data_7Z36
#
_entry.id   7Z36
#
_cell.length_a   190.283
_cell.length_b   68.583
_cell.length_c   149.111
_cell.angle_alpha   90.000
_cell.angle_beta   114.050
_cell.angle_gamma   90.000
#
_symmetry.space_group_name_H-M   'C 1 2 1'
#
loop_
_entity.id
_entity.type
_entity.pdbx_description
1 polymer 'Endolysin,Transcription intermediary factor 1-beta,Isoform 2 of Transcription intermediary factor 1-beta'
2 polymer 'SMARCAD1 CUE1 domain'
3 polymer 'Zinc finger protein 93'
4 non-polymer 'ZINC ION'
#
loop_
_entity_poly.entity_id
_entity_poly.type
_entity_poly.pdbx_seq_one_letter_code
_entity_poly.pdbx_strand_id
1 'polypeptide(L)'
;MGSSHHHHHHSQDPNSSSENLYFQGNIFEMLRIDERLRLKIYKDTEGYYTIGIGHLLTKSPSLNAAKSELDKAIGRNCNG
VITKDEAEKLFNQDVDAAVRGILRNAKLKPVYDSLDAVRRCALINMVFQMGETGVAGFTNSLRMLQQKRWDEAAVNLAKS
IWYNQTPNRAKRVITTFRTGTWDAYAAEALELLEHCGVCRERLRPEREPRLLPCLHSACSACLGPAAPAAANSSGDGGAA
GDGTVVDCPVCKQQCFSKDIVENYFMRDSGSGERTVYCNVHKHEPLVLFCESCDTLTCRDCQLNAHKDHQYQFLEDAVRN
QRKLLASLVKRLGDKHATLQKSTKEVRSSIRQVSDVQKRVQVDVKMAILQIMKELNKRGRVLVNDAQKVTEGQQERLERQ
HWTMTKIQKHQEHILRFASWALESDNNTALLLSKKLIYFQLHRALKMIVDPVEPHGEMKFQWDLNAWTKSAEAFGKIVAE
RP
;
A,B
2 'polypeptide(L)' MGSSHHHHHHSQDPNSSSENLYFQGLSELEDLKDAKLQTLKELFPQRSDNDLLKLIESTSTMDGAIAAALLMF C,S
3 'polypeptide(L)' GPLQFRDVAIEFSLEEWHCLDTAQRNLYRNVMLENYSNLVFLGIVVSKPDLIAHLEQGKKPLTMKRHEMV D
#
loop_
_chem_comp.id
_chem_comp.type
_chem_comp.name
_chem_comp.formula
ZN non-polymer 'ZINC ION' 'Zn 2'
#
# COMPACT_ATOMS: atom_id res chain seq x y z
N GLU A 19 -44.51 -41.71 8.39
CA GLU A 19 -44.74 -41.87 9.82
C GLU A 19 -43.45 -41.97 10.65
N ASN A 20 -42.71 -43.07 10.53
CA ASN A 20 -41.45 -43.24 11.28
C ASN A 20 -40.25 -42.58 10.59
N LEU A 21 -40.28 -41.25 10.48
CA LEU A 21 -39.24 -40.55 9.72
C LEU A 21 -38.22 -39.87 10.62
N TYR A 22 -36.97 -40.32 10.51
CA TYR A 22 -35.83 -39.87 11.27
C TYR A 22 -34.72 -39.54 10.27
N PHE A 23 -33.96 -38.45 10.49
CA PHE A 23 -32.86 -38.31 9.54
C PHE A 23 -31.47 -37.73 9.85
N GLN A 24 -31.30 -36.79 10.76
CA GLN A 24 -30.02 -36.09 10.95
C GLN A 24 -29.75 -35.19 9.75
N GLY A 25 -30.59 -34.16 9.66
CA GLY A 25 -30.65 -33.22 8.55
C GLY A 25 -29.49 -32.26 8.45
N ASN A 26 -28.41 -32.63 7.78
CA ASN A 26 -27.34 -31.70 7.45
C ASN A 26 -26.78 -32.09 6.09
N ILE A 27 -25.95 -31.20 5.53
CA ILE A 27 -25.45 -31.43 4.18
C ILE A 27 -24.63 -32.71 4.08
N PHE A 28 -23.90 -33.07 5.13
CA PHE A 28 -23.01 -34.22 4.98
C PHE A 28 -23.80 -35.50 4.92
N GLU A 29 -24.77 -35.65 5.82
CA GLU A 29 -25.67 -36.81 5.77
C GLU A 29 -26.53 -36.76 4.52
N MET A 30 -26.90 -35.56 4.05
CA MET A 30 -27.63 -35.45 2.79
C MET A 30 -26.83 -36.07 1.67
N LEU A 31 -25.56 -35.65 1.52
CA LEU A 31 -24.75 -36.14 0.41
C LEU A 31 -24.41 -37.63 0.57
N ARG A 32 -24.27 -38.12 1.80
CA ARG A 32 -24.00 -39.53 1.97
C ARG A 32 -25.17 -40.36 1.46
N ILE A 33 -26.39 -39.86 1.61
CA ILE A 33 -27.53 -40.59 1.05
C ILE A 33 -27.44 -40.63 -0.46
N ASP A 34 -27.08 -39.50 -1.05
CA ASP A 34 -27.08 -39.36 -2.50
C ASP A 34 -25.85 -39.95 -3.18
N GLU A 35 -24.69 -39.99 -2.53
CA GLU A 35 -23.45 -40.42 -3.19
C GLU A 35 -22.84 -41.62 -2.45
N ARG A 36 -22.97 -42.81 -3.04
CA ARG A 36 -22.36 -43.98 -2.44
C ARG A 36 -20.84 -43.86 -2.46
N LEU A 37 -20.20 -44.23 -1.35
CA LEU A 37 -18.74 -44.16 -1.23
C LEU A 37 -18.05 -45.16 -2.13
N ARG A 38 -17.06 -44.69 -2.89
CA ARG A 38 -16.24 -45.51 -3.77
C ARG A 38 -14.77 -45.31 -3.43
N LEU A 39 -14.04 -46.37 -3.11
CA LEU A 39 -12.62 -46.22 -2.77
C LEU A 39 -11.69 -46.51 -3.93
N LYS A 40 -12.20 -46.90 -5.10
CA LYS A 40 -11.39 -47.17 -6.27
C LYS A 40 -11.90 -46.30 -7.42
N ILE A 41 -10.97 -45.83 -8.26
CA ILE A 41 -11.38 -44.96 -9.36
C ILE A 41 -12.40 -45.68 -10.23
N TYR A 42 -13.47 -44.97 -10.59
CA TYR A 42 -14.53 -45.51 -11.42
C TYR A 42 -14.99 -44.47 -12.42
N LYS A 43 -15.65 -44.92 -13.49
CA LYS A 43 -16.25 -44.00 -14.44
C LYS A 43 -17.71 -43.76 -14.05
N ASP A 44 -18.11 -42.48 -14.02
CA ASP A 44 -19.48 -42.12 -13.73
C ASP A 44 -20.31 -42.28 -15.00
N THR A 45 -21.57 -41.80 -14.97
CA THR A 45 -22.47 -42.03 -16.10
C THR A 45 -22.10 -41.20 -17.33
N GLU A 46 -21.21 -40.22 -17.22
CA GLU A 46 -20.74 -39.46 -18.38
C GLU A 46 -19.39 -39.97 -18.83
N GLY A 47 -18.91 -41.05 -18.21
CA GLY A 47 -17.62 -41.61 -18.53
C GLY A 47 -16.46 -40.89 -17.87
N TYR A 48 -16.72 -39.99 -16.92
CA TYR A 48 -15.70 -39.21 -16.26
C TYR A 48 -15.15 -39.99 -15.07
N TYR A 49 -13.87 -39.78 -14.78
CA TYR A 49 -13.26 -40.54 -13.70
C TYR A 49 -13.50 -39.89 -12.34
N THR A 50 -13.99 -40.70 -11.40
CA THR A 50 -14.44 -40.25 -10.10
C THR A 50 -13.92 -41.21 -9.04
N ILE A 51 -13.85 -40.72 -7.80
CA ILE A 51 -13.44 -41.53 -6.66
C ILE A 51 -14.06 -40.92 -5.41
N GLY A 52 -14.13 -41.73 -4.37
CA GLY A 52 -14.60 -41.26 -3.09
C GLY A 52 -16.09 -40.96 -3.07
N ILE A 53 -16.47 -39.82 -2.50
CA ILE A 53 -17.88 -39.48 -2.37
C ILE A 53 -18.21 -38.41 -3.39
N GLY A 54 -18.40 -38.83 -4.64
CA GLY A 54 -18.73 -37.89 -5.67
C GLY A 54 -17.63 -36.95 -6.05
N HIS A 55 -16.37 -37.34 -5.85
CA HIS A 55 -15.27 -36.43 -6.17
C HIS A 55 -14.77 -36.70 -7.58
N LEU A 56 -14.94 -35.70 -8.44
CA LEU A 56 -14.50 -35.81 -9.82
C LEU A 56 -13.00 -35.63 -9.89
N LEU A 57 -12.33 -36.60 -10.50
CA LEU A 57 -10.89 -36.49 -10.69
C LEU A 57 -10.59 -35.73 -11.96
N THR A 58 -11.17 -36.13 -13.08
CA THR A 58 -10.96 -35.43 -14.33
C THR A 58 -11.99 -35.83 -15.39
N LYS A 59 -12.26 -34.90 -16.31
CA LYS A 59 -13.04 -35.21 -17.50
C LYS A 59 -12.18 -35.81 -18.58
N SER A 60 -10.87 -35.75 -18.42
CA SER A 60 -9.99 -36.36 -19.39
C SER A 60 -10.31 -37.84 -19.55
N PRO A 61 -10.26 -38.34 -20.78
CA PRO A 61 -10.49 -39.78 -21.03
C PRO A 61 -9.34 -40.64 -20.57
N SER A 62 -8.21 -40.05 -20.17
CA SER A 62 -7.06 -40.85 -19.76
C SER A 62 -7.15 -41.26 -18.30
N LEU A 63 -7.10 -42.57 -18.07
CA LEU A 63 -7.06 -43.07 -16.71
C LEU A 63 -5.80 -42.60 -15.99
N ASN A 64 -4.70 -42.39 -16.71
CA ASN A 64 -3.47 -41.98 -16.03
C ASN A 64 -3.60 -40.54 -15.56
N ALA A 65 -4.32 -39.71 -16.33
CA ALA A 65 -4.58 -38.36 -15.90
C ALA A 65 -5.40 -38.39 -14.62
N ALA A 66 -6.37 -39.32 -14.54
CA ALA A 66 -7.16 -39.45 -13.31
C ALA A 66 -6.25 -39.83 -12.15
N LYS A 67 -5.35 -40.78 -12.39
CA LYS A 67 -4.44 -41.20 -11.33
C LYS A 67 -3.51 -40.07 -10.93
N SER A 68 -3.05 -39.28 -11.91
CA SER A 68 -2.18 -38.16 -11.56
C SER A 68 -2.93 -37.16 -10.70
N GLU A 69 -4.18 -36.84 -11.07
CA GLU A 69 -4.98 -35.94 -10.26
C GLU A 69 -5.27 -36.54 -8.90
N LEU A 70 -5.50 -37.85 -8.83
CA LEU A 70 -5.72 -38.46 -7.52
C LEU A 70 -4.49 -38.30 -6.65
N ASP A 71 -3.33 -38.71 -7.19
CA ASP A 71 -2.08 -38.61 -6.44
C ASP A 71 -1.80 -37.17 -6.01
N LYS A 72 -2.11 -36.22 -6.90
CA LYS A 72 -1.93 -34.81 -6.58
C LYS A 72 -2.81 -34.42 -5.40
N ALA A 73 -4.08 -34.86 -5.44
CA ALA A 73 -5.05 -34.53 -4.40
C ALA A 73 -4.72 -35.13 -3.05
N ILE A 74 -4.19 -36.36 -3.02
CA ILE A 74 -3.96 -37.05 -1.76
C ILE A 74 -2.60 -36.75 -1.20
N GLY A 75 -1.59 -36.57 -2.06
CA GLY A 75 -0.22 -36.36 -1.65
C GLY A 75 0.64 -37.59 -1.60
N ARG A 76 0.20 -38.70 -2.21
CA ARG A 76 0.93 -39.95 -2.25
C ARG A 76 0.57 -40.68 -3.53
N ASN A 77 1.33 -41.74 -3.81
CA ASN A 77 1.10 -42.57 -4.99
C ASN A 77 0.03 -43.63 -4.73
N CYS A 78 -1.20 -43.33 -5.21
CA CYS A 78 -2.38 -44.16 -5.06
C CYS A 78 -2.64 -44.84 -6.40
N ASN A 79 -2.45 -46.15 -6.52
CA ASN A 79 -2.77 -46.75 -7.83
C ASN A 79 -4.29 -46.81 -8.01
N GLY A 80 -4.90 -45.62 -8.04
CA GLY A 80 -6.34 -45.48 -8.15
C GLY A 80 -7.12 -45.83 -6.91
N VAL A 81 -6.49 -46.01 -5.76
CA VAL A 81 -7.18 -46.45 -4.56
C VAL A 81 -6.90 -45.53 -3.37
N ILE A 82 -7.96 -45.26 -2.61
CA ILE A 82 -7.86 -44.46 -1.39
C ILE A 82 -8.52 -45.15 -0.21
N THR A 83 -8.28 -44.58 0.96
CA THR A 83 -8.91 -45.03 2.19
C THR A 83 -10.18 -44.22 2.47
N LYS A 84 -10.99 -44.76 3.39
CA LYS A 84 -12.18 -44.02 3.82
C LYS A 84 -11.79 -42.68 4.42
N ASP A 85 -10.72 -42.63 5.23
CA ASP A 85 -10.31 -41.34 5.78
C ASP A 85 -9.96 -40.36 4.66
N GLU A 86 -9.24 -40.84 3.64
CA GLU A 86 -8.89 -39.99 2.50
C GLU A 86 -10.14 -39.53 1.78
N ALA A 87 -11.08 -40.45 1.56
CA ALA A 87 -12.33 -40.07 0.90
C ALA A 87 -13.05 -39.00 1.72
N GLU A 88 -13.05 -39.16 3.05
CA GLU A 88 -13.71 -38.18 3.90
C GLU A 88 -13.05 -36.82 3.80
N LYS A 89 -11.73 -36.80 3.68
CA LYS A 89 -11.05 -35.52 3.58
C LYS A 89 -11.45 -34.84 2.28
N LEU A 90 -11.46 -35.58 1.17
CA LEU A 90 -11.91 -34.99 -0.08
C LEU A 90 -13.35 -34.52 0.06
N PHE A 91 -14.18 -35.32 0.74
CA PHE A 91 -15.60 -34.97 0.89
C PHE A 91 -15.73 -33.61 1.57
N ASN A 92 -15.05 -33.42 2.70
CA ASN A 92 -15.15 -32.14 3.37
C ASN A 92 -14.57 -31.01 2.52
N GLN A 93 -13.49 -31.26 1.78
CA GLN A 93 -12.96 -30.19 0.96
C GLN A 93 -13.97 -29.80 -0.10
N ASP A 94 -14.57 -30.81 -0.75
CA ASP A 94 -15.53 -30.57 -1.81
C ASP A 94 -16.79 -29.90 -1.27
N VAL A 95 -17.23 -30.28 -0.07
CA VAL A 95 -18.40 -29.61 0.48
C VAL A 95 -18.09 -28.13 0.73
N ASP A 96 -16.92 -27.84 1.32
CA ASP A 96 -16.52 -26.46 1.51
C ASP A 96 -16.40 -25.73 0.17
N ALA A 97 -15.88 -26.42 -0.85
CA ALA A 97 -15.71 -25.81 -2.16
C ALA A 97 -17.04 -25.42 -2.77
N ALA A 98 -18.04 -26.28 -2.63
CA ALA A 98 -19.36 -25.96 -3.15
C ALA A 98 -19.87 -24.68 -2.50
N VAL A 99 -19.65 -24.53 -1.20
CA VAL A 99 -20.14 -23.35 -0.52
C VAL A 99 -19.42 -22.11 -1.01
N ARG A 100 -18.09 -22.19 -1.20
CA ARG A 100 -17.39 -21.04 -1.73
C ARG A 100 -17.88 -20.69 -3.13
N GLY A 101 -18.10 -21.71 -3.96
CA GLY A 101 -18.59 -21.45 -5.29
C GLY A 101 -19.91 -20.70 -5.25
N ILE A 102 -20.78 -21.07 -4.32
CA ILE A 102 -22.07 -20.37 -4.20
C ILE A 102 -21.83 -18.93 -3.83
N LEU A 103 -20.99 -18.70 -2.82
CA LEU A 103 -20.77 -17.37 -2.29
C LEU A 103 -20.06 -16.45 -3.28
N ARG A 104 -19.13 -16.96 -4.09
CA ARG A 104 -18.42 -16.07 -4.98
C ARG A 104 -19.20 -15.78 -6.26
N ASN A 105 -20.35 -16.43 -6.45
CA ASN A 105 -21.11 -16.31 -7.69
C ASN A 105 -22.26 -15.34 -7.53
N ALA A 106 -22.29 -14.33 -8.40
CA ALA A 106 -23.29 -13.27 -8.33
C ALA A 106 -24.72 -13.80 -8.47
N LYS A 107 -24.90 -14.93 -9.15
CA LYS A 107 -26.26 -15.44 -9.30
C LYS A 107 -26.65 -16.40 -8.21
N LEU A 108 -25.72 -17.12 -7.62
CA LEU A 108 -26.08 -18.08 -6.59
C LEU A 108 -26.15 -17.46 -5.19
N LYS A 109 -25.25 -16.56 -4.86
CA LYS A 109 -25.23 -16.03 -3.49
C LYS A 109 -26.55 -15.38 -3.08
N PRO A 110 -27.14 -14.49 -3.88
CA PRO A 110 -28.39 -13.85 -3.42
C PRO A 110 -29.44 -14.86 -3.07
N VAL A 111 -29.44 -15.98 -3.78
CA VAL A 111 -30.44 -17.00 -3.56
C VAL A 111 -30.14 -17.74 -2.28
N TYR A 112 -28.91 -18.22 -2.20
CA TYR A 112 -28.47 -18.92 -1.02
C TYR A 112 -28.74 -18.10 0.22
N ASP A 113 -28.32 -16.83 0.20
CA ASP A 113 -28.53 -15.98 1.35
C ASP A 113 -30.01 -15.92 1.74
N SER A 114 -30.90 -15.89 0.74
CA SER A 114 -32.33 -15.77 1.03
C SER A 114 -32.94 -17.04 1.58
N LEU A 115 -32.25 -18.17 1.45
CA LEU A 115 -32.81 -19.47 1.80
C LEU A 115 -32.52 -19.84 3.25
N ASP A 116 -33.47 -20.59 3.83
CA ASP A 116 -33.32 -21.23 5.12
C ASP A 116 -32.29 -22.36 5.05
N ALA A 117 -31.87 -22.81 6.24
CA ALA A 117 -30.77 -23.78 6.32
C ALA A 117 -31.07 -25.07 5.56
N VAL A 118 -32.32 -25.55 5.59
CA VAL A 118 -32.58 -26.80 4.90
C VAL A 118 -32.45 -26.59 3.40
N ARG A 119 -33.14 -25.58 2.88
CA ARG A 119 -33.05 -25.31 1.44
C ARG A 119 -31.66 -24.92 1.03
N ARG A 120 -30.88 -24.30 1.92
CA ARG A 120 -29.49 -24.02 1.57
C ARG A 120 -28.75 -25.33 1.29
N CYS A 121 -29.02 -26.36 2.09
CA CYS A 121 -28.37 -27.64 1.85
C CYS A 121 -28.77 -28.17 0.48
N ALA A 122 -30.01 -27.95 0.06
CA ALA A 122 -30.41 -28.37 -1.26
C ALA A 122 -29.58 -27.69 -2.34
N LEU A 123 -29.33 -26.37 -2.18
CA LEU A 123 -28.54 -25.66 -3.17
C LEU A 123 -27.10 -26.13 -3.16
N ILE A 124 -26.54 -26.37 -1.97
CA ILE A 124 -25.18 -26.89 -1.90
C ILE A 124 -25.11 -28.25 -2.54
N ASN A 125 -26.13 -29.09 -2.28
CA ASN A 125 -26.19 -30.41 -2.89
C ASN A 125 -26.04 -30.28 -4.41
N MET A 126 -26.82 -29.39 -5.02
CA MET A 126 -26.76 -29.24 -6.47
C MET A 126 -25.38 -28.80 -6.92
N VAL A 127 -24.83 -27.78 -6.27
CA VAL A 127 -23.53 -27.29 -6.68
C VAL A 127 -22.47 -28.37 -6.51
N PHE A 128 -22.53 -29.08 -5.38
CA PHE A 128 -21.61 -30.19 -5.16
C PHE A 128 -21.63 -31.13 -6.35
N GLN A 129 -22.83 -31.38 -6.86
CA GLN A 129 -23.06 -32.35 -7.95
C GLN A 129 -22.64 -31.82 -9.31
N MET A 130 -22.95 -30.56 -9.61
CA MET A 130 -22.87 -29.98 -10.96
C MET A 130 -21.88 -28.85 -11.14
N GLY A 131 -21.35 -28.27 -10.08
CA GLY A 131 -20.50 -27.10 -10.27
C GLY A 131 -21.31 -25.82 -10.19
N GLU A 132 -20.67 -24.74 -9.74
CA GLU A 132 -21.44 -23.52 -9.56
C GLU A 132 -21.96 -22.96 -10.88
N THR A 133 -21.25 -23.13 -11.99
CA THR A 133 -21.78 -22.50 -13.20
C THR A 133 -22.94 -23.32 -13.74
N GLY A 134 -22.86 -24.66 -13.61
CA GLY A 134 -24.01 -25.48 -13.99
C GLY A 134 -25.23 -25.04 -13.22
N VAL A 135 -25.11 -24.85 -11.91
CA VAL A 135 -26.30 -24.47 -11.14
C VAL A 135 -26.71 -23.04 -11.48
N ALA A 136 -25.74 -22.14 -11.68
CA ALA A 136 -26.08 -20.78 -12.05
C ALA A 136 -26.86 -20.75 -13.36
N GLY A 137 -26.63 -21.73 -14.23
CA GLY A 137 -27.37 -21.86 -15.47
C GLY A 137 -28.87 -21.97 -15.28
N PHE A 138 -29.34 -22.40 -14.09
CA PHE A 138 -30.78 -22.56 -13.84
C PHE A 138 -31.38 -21.21 -13.46
N THR A 139 -31.37 -20.29 -14.41
CA THR A 139 -31.67 -18.88 -14.10
C THR A 139 -33.06 -18.69 -13.49
N ASN A 140 -34.09 -19.23 -14.10
CA ASN A 140 -35.42 -18.93 -13.60
C ASN A 140 -35.75 -19.70 -12.35
N SER A 141 -35.31 -20.96 -12.26
CA SER A 141 -35.62 -21.70 -11.07
C SER A 141 -34.97 -21.01 -9.87
N LEU A 142 -33.75 -20.52 -10.05
CA LEU A 142 -33.08 -19.83 -8.94
C LEU A 142 -33.87 -18.61 -8.52
N ARG A 143 -34.32 -17.83 -9.51
CA ARG A 143 -35.12 -16.63 -9.24
C ARG A 143 -36.38 -17.01 -8.47
N MET A 144 -37.04 -18.09 -8.89
CA MET A 144 -38.24 -18.52 -8.18
C MET A 144 -37.92 -18.85 -6.73
N LEU A 145 -36.80 -19.52 -6.49
CA LEU A 145 -36.45 -19.89 -5.11
C LEU A 145 -36.22 -18.66 -4.25
N GLN A 146 -35.53 -17.66 -4.79
CA GLN A 146 -35.31 -16.43 -4.03
C GLN A 146 -36.61 -15.72 -3.72
N GLN A 147 -37.61 -15.85 -4.60
CA GLN A 147 -38.94 -15.30 -4.40
C GLN A 147 -39.84 -16.25 -3.64
N LYS A 148 -39.29 -17.39 -3.21
CA LYS A 148 -39.98 -18.39 -2.41
C LYS A 148 -41.19 -18.99 -3.14
N ARG A 149 -41.14 -19.05 -4.48
CA ARG A 149 -42.17 -19.70 -5.30
C ARG A 149 -41.86 -21.20 -5.38
N TRP A 150 -41.99 -21.90 -4.24
CA TRP A 150 -41.41 -23.24 -4.15
C TRP A 150 -42.01 -24.22 -5.15
N ASP A 151 -43.34 -24.31 -5.24
CA ASP A 151 -43.94 -25.27 -6.14
C ASP A 151 -43.58 -24.99 -7.58
N GLU A 152 -43.42 -23.71 -7.96
CA GLU A 152 -43.06 -23.39 -9.33
C GLU A 152 -41.64 -23.84 -9.61
N ALA A 153 -40.75 -23.57 -8.65
CA ALA A 153 -39.36 -23.97 -8.79
C ALA A 153 -39.25 -25.47 -8.94
N ALA A 154 -40.05 -26.21 -8.18
CA ALA A 154 -40.00 -27.66 -8.27
C ALA A 154 -40.34 -28.11 -9.69
N VAL A 155 -41.44 -27.59 -10.25
CA VAL A 155 -41.89 -28.04 -11.56
C VAL A 155 -40.85 -27.70 -12.61
N ASN A 156 -40.29 -26.51 -12.53
CA ASN A 156 -39.33 -26.10 -13.52
C ASN A 156 -38.05 -26.91 -13.42
N LEU A 157 -37.53 -27.08 -12.21
CA LEU A 157 -36.31 -27.87 -12.05
C LEU A 157 -36.53 -29.30 -12.52
N ALA A 158 -37.78 -29.80 -12.39
CA ALA A 158 -38.08 -31.18 -12.75
C ALA A 158 -38.02 -31.43 -14.26
N LYS A 159 -37.94 -30.38 -15.07
CA LYS A 159 -37.85 -30.55 -16.52
C LYS A 159 -36.42 -30.61 -17.02
N SER A 160 -35.43 -30.42 -16.15
CA SER A 160 -34.04 -30.22 -16.55
C SER A 160 -33.34 -31.52 -16.99
N ILE A 161 -32.17 -31.29 -17.63
CA ILE A 161 -31.28 -32.38 -17.98
C ILE A 161 -30.85 -33.11 -16.71
N TRP A 162 -30.56 -32.35 -15.67
CA TRP A 162 -30.23 -32.89 -14.36
C TRP A 162 -31.25 -33.92 -13.93
N TYR A 163 -32.50 -33.48 -13.89
CA TYR A 163 -33.55 -34.35 -13.42
C TYR A 163 -33.63 -35.62 -14.26
N ASN A 164 -33.58 -35.48 -15.57
CA ASN A 164 -33.63 -36.67 -16.41
C ASN A 164 -32.42 -37.54 -16.22
N GLN A 165 -31.30 -36.97 -15.83
CA GLN A 165 -30.11 -37.81 -15.70
C GLN A 165 -30.03 -38.52 -14.34
N THR A 166 -30.39 -37.86 -13.23
CA THR A 166 -30.36 -38.45 -11.89
C THR A 166 -31.70 -38.17 -11.22
N PRO A 167 -32.78 -38.79 -11.71
CA PRO A 167 -34.12 -38.42 -11.21
C PRO A 167 -34.39 -38.74 -9.75
N ASN A 168 -33.85 -39.80 -9.17
CA ASN A 168 -34.24 -40.02 -7.79
C ASN A 168 -33.58 -38.98 -6.91
N ARG A 169 -32.32 -38.69 -7.20
CA ARG A 169 -31.66 -37.65 -6.46
C ARG A 169 -32.32 -36.31 -6.70
N ALA A 170 -32.62 -36.00 -7.97
CA ALA A 170 -33.22 -34.70 -8.24
C ALA A 170 -34.55 -34.57 -7.51
N LYS A 171 -35.32 -35.65 -7.47
CA LYS A 171 -36.59 -35.58 -6.77
C LYS A 171 -36.40 -35.33 -5.28
N ARG A 172 -35.39 -35.97 -4.66
CA ARG A 172 -35.16 -35.70 -3.25
C ARG A 172 -34.73 -34.25 -3.03
N VAL A 173 -33.84 -33.76 -3.87
CA VAL A 173 -33.41 -32.38 -3.73
C VAL A 173 -34.58 -31.46 -3.99
N ILE A 174 -35.38 -31.75 -5.01
CA ILE A 174 -36.51 -30.87 -5.31
C ILE A 174 -37.54 -30.88 -4.20
N THR A 175 -37.87 -32.06 -3.66
CA THR A 175 -38.80 -32.07 -2.54
C THR A 175 -38.26 -31.26 -1.38
N THR A 176 -36.95 -31.37 -1.14
CA THR A 176 -36.34 -30.57 -0.08
C THR A 176 -36.52 -29.09 -0.35
N PHE A 177 -36.43 -28.66 -1.62
CA PHE A 177 -36.73 -27.27 -1.93
C PHE A 177 -38.20 -26.92 -1.76
N ARG A 178 -39.10 -27.84 -2.10
CA ARG A 178 -40.53 -27.56 -2.05
C ARG A 178 -40.97 -27.32 -0.63
N THR A 179 -40.71 -28.29 0.25
CA THR A 179 -41.01 -28.24 1.65
C THR A 179 -39.75 -27.63 2.28
N GLY A 180 -39.77 -27.45 3.58
CA GLY A 180 -38.59 -26.95 4.23
C GLY A 180 -37.95 -28.10 4.97
N THR A 181 -38.26 -29.31 4.57
CA THR A 181 -37.91 -30.44 5.41
C THR A 181 -36.95 -31.42 4.76
N TRP A 182 -36.63 -32.39 5.60
CA TRP A 182 -35.79 -33.52 5.28
C TRP A 182 -36.59 -34.79 5.07
N ASP A 183 -37.90 -34.67 4.87
CA ASP A 183 -38.72 -35.87 4.79
C ASP A 183 -38.23 -36.76 3.66
N ALA A 184 -37.82 -36.16 2.53
CA ALA A 184 -37.37 -36.96 1.41
C ALA A 184 -36.17 -37.82 1.79
N TYR A 185 -35.29 -37.28 2.62
CA TYR A 185 -34.11 -38.00 3.05
C TYR A 185 -34.41 -38.98 4.16
N ALA A 186 -35.35 -38.63 5.03
CA ALA A 186 -35.79 -39.62 6.00
C ALA A 186 -36.41 -40.80 5.29
N ALA A 187 -37.22 -40.52 4.25
CA ALA A 187 -37.84 -41.58 3.46
C ALA A 187 -36.79 -42.41 2.73
N GLU A 188 -35.75 -41.79 2.19
CA GLU A 188 -34.75 -42.62 1.54
C GLU A 188 -34.02 -43.47 2.55
N ALA A 189 -33.73 -42.94 3.75
CA ALA A 189 -33.08 -43.77 4.75
C ALA A 189 -33.93 -44.96 5.12
N LEU A 190 -35.26 -44.80 5.13
CA LEU A 190 -36.14 -45.95 5.36
C LEU A 190 -36.04 -46.93 4.20
N GLU A 191 -36.16 -46.43 2.98
CA GLU A 191 -36.06 -47.27 1.80
C GLU A 191 -34.79 -48.10 1.85
N LEU A 192 -33.69 -47.47 2.26
CA LEU A 192 -32.39 -48.14 2.22
C LEU A 192 -32.30 -49.35 3.14
N LEU A 193 -33.22 -49.51 4.09
CA LEU A 193 -33.17 -50.73 4.89
C LEU A 193 -33.33 -51.95 4.02
N GLU A 194 -33.99 -51.81 2.87
CA GLU A 194 -34.26 -52.91 1.95
C GLU A 194 -33.13 -53.11 0.96
N HIS A 195 -32.02 -52.38 1.12
CA HIS A 195 -30.87 -52.45 0.23
C HIS A 195 -29.60 -52.78 1.01
N CYS A 196 -28.65 -53.34 0.28
CA CYS A 196 -27.36 -53.71 0.87
C CYS A 196 -26.62 -52.51 1.45
N GLY A 197 -26.15 -52.66 2.68
CA GLY A 197 -25.46 -51.58 3.36
C GLY A 197 -24.22 -51.05 2.66
N VAL A 198 -23.63 -51.80 1.72
CA VAL A 198 -22.39 -51.37 1.06
C VAL A 198 -22.56 -51.13 -0.44
N CYS A 199 -23.26 -52.00 -1.18
CA CYS A 199 -23.41 -51.82 -2.61
C CYS A 199 -24.73 -51.15 -2.98
N ARG A 200 -25.64 -51.05 -2.01
CA ARG A 200 -26.98 -50.48 -2.11
C ARG A 200 -27.86 -51.18 -3.14
N GLU A 201 -27.52 -52.38 -3.57
CA GLU A 201 -28.44 -53.14 -4.39
C GLU A 201 -29.61 -53.63 -3.54
N ARG A 202 -30.79 -53.73 -4.16
CA ARG A 202 -31.93 -54.26 -3.43
C ARG A 202 -31.68 -55.69 -2.97
N LEU A 203 -32.05 -55.96 -1.72
CA LEU A 203 -31.84 -57.25 -1.05
C LEU A 203 -32.91 -58.28 -1.38
N ARG A 204 -32.96 -58.69 -2.63
CA ARG A 204 -33.83 -59.81 -2.97
C ARG A 204 -33.17 -61.13 -2.61
N PRO A 205 -33.98 -62.20 -2.45
CA PRO A 205 -33.40 -63.49 -1.97
C PRO A 205 -32.17 -63.99 -2.71
N GLU A 206 -32.06 -63.67 -3.99
CA GLU A 206 -30.95 -64.09 -4.83
C GLU A 206 -29.63 -63.53 -4.33
N ARG A 207 -29.67 -62.49 -3.50
CA ARG A 207 -28.47 -61.88 -2.93
C ARG A 207 -28.07 -62.53 -1.62
N GLU A 208 -28.81 -63.52 -1.15
CA GLU A 208 -28.60 -64.12 0.17
C GLU A 208 -28.48 -62.98 1.19
N PRO A 209 -29.53 -62.18 1.33
CA PRO A 209 -29.47 -61.01 2.25
C PRO A 209 -29.34 -61.48 3.70
N ARG A 210 -28.44 -60.84 4.44
CA ARG A 210 -28.18 -61.22 5.81
C ARG A 210 -28.33 -60.03 6.74
N LEU A 211 -28.90 -60.29 7.92
CA LEU A 211 -29.15 -59.28 8.95
C LEU A 211 -28.19 -59.47 10.11
N LEU A 212 -27.39 -58.47 10.36
CA LEU A 212 -26.45 -58.53 11.48
C LEU A 212 -27.13 -58.07 12.78
N PRO A 213 -26.51 -58.40 13.91
CA PRO A 213 -27.12 -58.04 15.23
C PRO A 213 -27.30 -56.56 15.45
N CYS A 214 -26.64 -55.72 14.65
CA CYS A 214 -26.73 -54.28 14.73
C CYS A 214 -27.68 -53.78 13.65
N LEU A 215 -28.59 -54.67 13.23
CA LEU A 215 -29.71 -54.37 12.33
C LEU A 215 -29.27 -53.75 11.02
N HIS A 216 -28.02 -53.91 10.66
CA HIS A 216 -27.58 -53.62 9.31
C HIS A 216 -27.66 -54.90 8.48
N SER A 217 -27.91 -54.72 7.19
CA SER A 217 -28.07 -55.88 6.33
C SER A 217 -27.12 -55.78 5.15
N ALA A 218 -26.81 -56.93 4.58
CA ALA A 218 -25.92 -56.92 3.43
C ALA A 218 -26.10 -58.20 2.62
N CYS A 219 -25.76 -58.09 1.34
CA CYS A 219 -25.63 -59.27 0.51
C CYS A 219 -24.62 -60.17 1.21
N SER A 220 -24.87 -61.47 1.23
CA SER A 220 -23.87 -62.32 1.89
C SER A 220 -22.52 -62.11 1.22
N ALA A 221 -22.56 -61.78 -0.08
CA ALA A 221 -21.37 -61.56 -0.90
C ALA A 221 -20.48 -60.45 -0.37
N CYS A 222 -21.05 -59.51 0.37
CA CYS A 222 -20.33 -58.34 0.85
C CYS A 222 -19.80 -58.53 2.26
N LEU A 223 -19.96 -59.72 2.83
CA LEU A 223 -19.51 -60.00 4.18
C LEU A 223 -18.29 -60.90 4.19
N THR A 244 -15.74 -67.63 12.24
CA THR A 244 -16.57 -67.50 13.42
C THR A 244 -17.08 -66.07 13.64
N VAL A 245 -16.21 -65.07 13.37
CA VAL A 245 -16.53 -63.66 13.63
C VAL A 245 -16.35 -62.79 12.40
N VAL A 246 -17.27 -61.82 12.24
CA VAL A 246 -17.32 -60.89 11.13
C VAL A 246 -17.60 -59.47 11.61
N ASP A 247 -16.96 -58.49 10.94
CA ASP A 247 -17.19 -57.07 11.17
C ASP A 247 -18.22 -56.50 10.20
N CYS A 248 -19.13 -55.67 10.73
CA CYS A 248 -20.14 -55.03 9.90
C CYS A 248 -19.54 -54.01 8.92
N PRO A 249 -19.85 -54.14 7.63
CA PRO A 249 -19.39 -53.19 6.61
C PRO A 249 -19.72 -51.73 6.86
N VAL A 250 -20.78 -51.47 7.62
CA VAL A 250 -21.32 -50.14 7.83
C VAL A 250 -20.86 -49.58 9.16
N CYS A 251 -20.97 -50.39 10.21
CA CYS A 251 -20.66 -49.95 11.55
C CYS A 251 -19.26 -50.21 12.03
N LYS A 252 -18.51 -51.19 11.45
CA LYS A 252 -17.24 -51.56 12.11
C LYS A 252 -17.42 -52.38 13.38
N GLN A 253 -18.62 -52.83 13.71
CA GLN A 253 -18.84 -53.65 14.89
C GLN A 253 -18.95 -55.15 14.61
N GLN A 254 -18.44 -55.91 15.58
CA GLN A 254 -18.38 -57.35 15.43
C GLN A 254 -19.55 -58.14 15.97
N CYS A 255 -19.75 -59.29 15.35
CA CYS A 255 -20.70 -60.27 15.81
C CYS A 255 -20.16 -61.65 15.50
N PHE A 256 -20.74 -62.63 16.17
CA PHE A 256 -20.44 -64.00 15.83
C PHE A 256 -21.28 -64.32 14.60
N SER A 257 -20.64 -64.95 13.63
CA SER A 257 -21.38 -65.25 12.40
C SER A 257 -22.58 -66.13 12.69
N LYS A 258 -22.53 -66.91 13.77
CA LYS A 258 -23.65 -67.76 14.16
C LYS A 258 -24.87 -66.93 14.54
N ASP A 259 -24.68 -65.65 14.87
CA ASP A 259 -25.77 -64.77 15.27
C ASP A 259 -26.42 -64.11 14.08
N ILE A 260 -25.79 -64.19 12.91
CA ILE A 260 -26.29 -63.53 11.71
C ILE A 260 -27.37 -64.38 11.07
N VAL A 261 -28.45 -63.74 10.70
CA VAL A 261 -29.60 -64.45 10.18
C VAL A 261 -29.94 -63.90 8.81
N GLU A 262 -30.77 -64.67 8.12
CA GLU A 262 -31.23 -64.21 6.82
C GLU A 262 -32.12 -63.01 7.10
N ASN A 263 -32.02 -61.98 6.27
CA ASN A 263 -32.95 -60.87 6.47
C ASN A 263 -34.27 -61.36 5.91
N TYR A 264 -35.04 -62.01 6.79
CA TYR A 264 -36.26 -62.71 6.45
C TYR A 264 -37.39 -61.77 6.05
N PHE A 265 -37.24 -60.46 6.19
CA PHE A 265 -38.27 -59.53 5.76
C PHE A 265 -38.25 -59.34 4.23
N MET A 266 -37.20 -59.79 3.55
CA MET A 266 -37.03 -59.60 2.11
C MET A 266 -37.50 -60.82 1.30
N TYR A 277 -40.63 -69.92 6.89
CA TYR A 277 -40.46 -71.19 6.17
C TYR A 277 -39.27 -71.95 6.79
N CYS A 278 -39.37 -73.29 6.91
CA CYS A 278 -38.43 -74.07 7.72
C CYS A 278 -37.08 -74.36 7.08
N ASN A 279 -36.02 -74.22 7.89
CA ASN A 279 -34.62 -74.46 7.55
C ASN A 279 -34.17 -75.92 7.71
N VAL A 280 -35.06 -76.81 8.16
CA VAL A 280 -34.76 -78.22 8.39
C VAL A 280 -35.54 -79.12 7.45
N HIS A 281 -36.86 -78.89 7.34
CA HIS A 281 -37.78 -79.65 6.49
C HIS A 281 -38.20 -78.84 5.25
N LYS A 282 -37.81 -79.34 4.08
CA LYS A 282 -37.90 -78.60 2.82
C LYS A 282 -39.32 -78.21 2.39
N HIS A 283 -40.37 -78.83 2.91
CA HIS A 283 -41.73 -78.45 2.54
C HIS A 283 -42.53 -77.80 3.67
N GLU A 284 -41.92 -77.58 4.84
CA GLU A 284 -42.63 -77.15 6.03
C GLU A 284 -42.52 -75.65 6.31
N PRO A 285 -43.68 -75.09 6.67
CA PRO A 285 -43.69 -73.75 7.27
C PRO A 285 -43.38 -73.80 8.77
N LEU A 286 -42.87 -72.69 9.29
CA LEU A 286 -42.73 -72.53 10.73
C LEU A 286 -44.06 -71.99 11.26
N VAL A 287 -44.68 -72.70 12.21
CA VAL A 287 -46.01 -72.28 12.64
C VAL A 287 -46.12 -72.23 14.16
N LEU A 288 -45.12 -72.78 14.84
CA LEU A 288 -45.12 -72.83 16.28
C LEU A 288 -43.95 -72.03 16.82
N PHE A 289 -44.12 -71.50 18.01
CA PHE A 289 -43.01 -70.85 18.69
C PHE A 289 -42.52 -71.81 19.77
N CYS A 290 -41.29 -72.30 19.62
CA CYS A 290 -40.77 -73.24 20.63
C CYS A 290 -40.33 -72.34 21.77
N GLU A 291 -41.27 -72.12 22.69
CA GLU A 291 -41.00 -71.25 23.82
C GLU A 291 -39.83 -71.77 24.63
N SER A 292 -39.72 -73.11 24.68
CA SER A 292 -38.61 -73.72 25.40
C SER A 292 -37.26 -73.35 24.81
N CYS A 293 -37.15 -73.20 23.50
CA CYS A 293 -35.88 -72.92 22.84
C CYS A 293 -35.82 -71.50 22.27
N ASP A 294 -36.86 -70.69 22.47
CA ASP A 294 -36.93 -69.31 21.97
C ASP A 294 -36.66 -69.21 20.47
N THR A 295 -37.30 -70.08 19.70
CA THR A 295 -37.16 -70.08 18.24
C THR A 295 -38.44 -70.61 17.60
N LEU A 296 -38.71 -70.19 16.36
CA LEU A 296 -39.85 -70.77 15.66
C LEU A 296 -39.49 -72.17 15.17
N THR A 297 -40.50 -73.03 15.08
CA THR A 297 -40.33 -74.41 14.64
C THR A 297 -41.52 -74.82 13.78
N CYS A 298 -41.29 -75.83 12.94
CA CYS A 298 -42.37 -76.43 12.14
C CYS A 298 -42.98 -77.61 12.88
N ARG A 299 -44.08 -78.11 12.32
CA ARG A 299 -44.79 -79.23 12.93
C ARG A 299 -43.88 -80.44 13.12
N ASP A 300 -43.12 -80.79 12.10
CA ASP A 300 -42.29 -82.00 12.20
C ASP A 300 -41.17 -81.81 13.22
N CYS A 301 -40.59 -80.61 13.31
CA CYS A 301 -39.51 -80.44 14.29
C CYS A 301 -40.08 -80.42 15.71
N GLN A 302 -41.24 -79.83 15.91
CA GLN A 302 -41.77 -79.83 17.26
C GLN A 302 -42.17 -81.23 17.68
N LEU A 303 -42.66 -82.03 16.73
CA LEU A 303 -43.08 -83.38 17.03
C LEU A 303 -41.90 -84.31 17.31
N ASN A 304 -40.80 -84.14 16.59
CA ASN A 304 -39.65 -85.03 16.77
C ASN A 304 -38.50 -84.42 17.55
N ALA A 305 -37.83 -83.45 16.91
CA ALA A 305 -36.61 -82.89 17.47
C ALA A 305 -36.83 -82.29 18.85
N HIS A 306 -37.98 -81.63 19.03
CA HIS A 306 -38.32 -80.92 20.25
C HIS A 306 -39.50 -81.57 20.96
N LYS A 307 -39.64 -82.88 20.85
CA LYS A 307 -40.85 -83.56 21.32
C LYS A 307 -41.30 -83.09 22.69
N ASP A 308 -42.47 -82.44 22.70
CA ASP A 308 -43.21 -81.97 23.88
C ASP A 308 -42.38 -81.13 24.84
N HIS A 309 -41.50 -80.28 24.32
CA HIS A 309 -40.80 -79.34 25.20
C HIS A 309 -41.78 -78.37 25.84
N GLN A 310 -42.18 -77.38 25.04
CA GLN A 310 -43.06 -76.29 25.42
C GLN A 310 -43.21 -75.41 24.18
N TYR A 311 -44.43 -75.00 23.85
CA TYR A 311 -44.56 -74.11 22.70
C TYR A 311 -45.88 -73.35 22.74
N GLN A 312 -45.90 -72.26 21.97
CA GLN A 312 -47.06 -71.42 21.73
C GLN A 312 -47.31 -71.43 20.23
N PHE A 313 -48.50 -71.02 19.83
CA PHE A 313 -48.76 -70.90 18.41
C PHE A 313 -48.25 -69.54 17.93
N LEU A 314 -47.84 -69.51 16.66
CA LEU A 314 -47.30 -68.26 16.10
C LEU A 314 -48.22 -67.08 16.42
N GLU A 315 -49.54 -67.25 16.28
CA GLU A 315 -50.45 -66.13 16.52
C GLU A 315 -50.37 -65.62 17.96
N ASP A 316 -49.96 -66.47 18.90
CA ASP A 316 -49.84 -66.05 20.29
C ASP A 316 -48.58 -65.22 20.46
N ALA A 317 -47.49 -65.69 19.86
CA ALA A 317 -46.19 -65.03 19.95
C ALA A 317 -46.18 -63.71 19.21
N VAL A 318 -46.83 -63.65 18.08
CA VAL A 318 -47.03 -62.41 17.29
C VAL A 318 -47.67 -61.23 18.02
N ARG A 319 -48.94 -61.32 18.39
CA ARG A 319 -49.56 -60.26 19.21
C ARG A 319 -48.75 -59.82 20.41
N ASN A 320 -48.19 -60.76 21.17
CA ASN A 320 -47.51 -60.29 22.38
C ASN A 320 -46.25 -59.52 22.04
N GLN A 321 -45.45 -60.04 21.12
CA GLN A 321 -44.18 -59.36 20.84
C GLN A 321 -44.42 -57.99 20.25
N ARG A 322 -45.45 -57.84 19.42
CA ARG A 322 -45.73 -56.54 18.84
C ARG A 322 -46.22 -55.53 19.87
N LYS A 323 -46.84 -55.96 20.97
CA LYS A 323 -47.21 -54.99 22.00
C LYS A 323 -45.97 -54.53 22.77
N LEU A 324 -45.05 -55.47 23.02
CA LEU A 324 -43.85 -55.18 23.78
C LEU A 324 -42.92 -54.27 22.99
N LEU A 325 -42.66 -54.65 21.74
CA LEU A 325 -41.75 -53.86 20.92
C LEU A 325 -42.31 -52.46 20.73
N ALA A 326 -43.62 -52.37 20.50
CA ALA A 326 -44.22 -51.06 20.27
C ALA A 326 -43.96 -50.14 21.45
N SER A 327 -44.01 -50.66 22.68
CA SER A 327 -43.76 -49.82 23.84
C SER A 327 -42.28 -49.48 23.99
N LEU A 328 -41.37 -50.43 23.72
CA LEU A 328 -39.95 -50.11 23.79
C LEU A 328 -39.62 -49.01 22.80
N VAL A 329 -40.23 -49.08 21.63
CA VAL A 329 -40.02 -48.06 20.60
C VAL A 329 -40.52 -46.70 21.06
N LYS A 330 -41.71 -46.64 21.68
CA LYS A 330 -42.17 -45.36 22.18
C LYS A 330 -41.21 -44.81 23.22
N ARG A 331 -40.72 -45.68 24.11
CA ARG A 331 -39.78 -45.21 25.14
C ARG A 331 -38.50 -44.70 24.49
N LEU A 332 -37.98 -45.42 23.49
CA LEU A 332 -36.76 -44.96 22.84
C LEU A 332 -37.02 -43.65 22.10
N GLY A 333 -38.18 -43.53 21.46
CA GLY A 333 -38.50 -42.29 20.79
C GLY A 333 -38.54 -41.11 21.74
N ASP A 334 -39.01 -41.34 22.98
CA ASP A 334 -38.99 -40.25 23.96
C ASP A 334 -37.56 -39.92 24.39
N LYS A 335 -36.71 -40.95 24.60
CA LYS A 335 -35.32 -40.68 24.96
C LYS A 335 -34.64 -39.91 23.84
N HIS A 336 -34.96 -40.28 22.60
CA HIS A 336 -34.46 -39.56 21.42
C HIS A 336 -34.91 -38.11 21.41
N ALA A 337 -36.20 -37.88 21.69
CA ALA A 337 -36.71 -36.51 21.72
C ALA A 337 -35.95 -35.67 22.72
N THR A 338 -35.65 -36.23 23.89
CA THR A 338 -34.87 -35.49 24.88
C THR A 338 -33.47 -35.21 24.36
N LEU A 339 -32.84 -36.22 23.77
CA LEU A 339 -31.49 -36.03 23.25
C LEU A 339 -31.46 -34.99 22.14
N GLN A 340 -32.52 -34.91 21.33
CA GLN A 340 -32.49 -33.88 20.29
C GLN A 340 -32.39 -32.49 20.89
N LYS A 341 -33.15 -32.25 21.97
CA LYS A 341 -33.12 -30.94 22.59
C LYS A 341 -31.80 -30.67 23.29
N SER A 342 -31.29 -31.66 24.03
CA SER A 342 -30.01 -31.43 24.70
C SER A 342 -28.93 -31.16 23.68
N THR A 343 -29.04 -31.75 22.47
CA THR A 343 -28.07 -31.46 21.41
C THR A 343 -28.22 -30.03 20.88
N LYS A 344 -29.46 -29.55 20.70
CA LYS A 344 -29.62 -28.15 20.29
C LYS A 344 -28.91 -27.25 21.27
N GLU A 345 -28.96 -27.57 22.57
CA GLU A 345 -28.25 -26.75 23.57
C GLU A 345 -26.74 -26.79 23.38
N VAL A 346 -26.17 -27.97 23.12
CA VAL A 346 -24.72 -28.01 23.01
C VAL A 346 -24.29 -27.23 21.78
N ARG A 347 -25.06 -27.29 20.70
CA ARG A 347 -24.74 -26.49 19.52
C ARG A 347 -24.77 -25.01 19.84
N SER A 348 -25.79 -24.57 20.58
CA SER A 348 -25.83 -23.16 20.92
C SER A 348 -24.62 -22.79 21.75
N SER A 349 -24.24 -23.65 22.70
CA SER A 349 -23.05 -23.36 23.50
C SER A 349 -21.81 -23.29 22.63
N ILE A 350 -21.69 -24.20 21.66
CA ILE A 350 -20.52 -24.17 20.77
C ILE A 350 -20.48 -22.86 19.99
N ARG A 351 -21.60 -22.46 19.41
CA ARG A 351 -21.59 -21.17 18.70
C ARG A 351 -21.24 -20.02 19.64
N GLN A 352 -21.82 -20.04 20.85
CA GLN A 352 -21.54 -18.96 21.80
C GLN A 352 -20.06 -18.92 22.15
N VAL A 353 -19.43 -20.07 22.38
CA VAL A 353 -18.01 -20.06 22.75
C VAL A 353 -17.19 -19.50 21.60
N SER A 354 -17.53 -19.89 20.37
CA SER A 354 -16.87 -19.36 19.18
C SER A 354 -17.07 -17.87 19.04
N ASP A 355 -18.31 -17.42 19.23
CA ASP A 355 -18.58 -15.99 19.09
C ASP A 355 -17.81 -15.18 20.13
N VAL A 356 -17.64 -15.71 21.34
CA VAL A 356 -16.85 -14.97 22.33
C VAL A 356 -15.41 -14.83 21.86
N GLN A 357 -14.82 -15.90 21.32
CA GLN A 357 -13.45 -15.82 20.83
C GLN A 357 -13.33 -14.79 19.71
N LYS A 358 -14.29 -14.76 18.79
CA LYS A 358 -14.25 -13.76 17.72
C LYS A 358 -14.39 -12.35 18.29
N ARG A 359 -15.28 -12.19 19.27
CA ARG A 359 -15.47 -10.88 19.88
C ARG A 359 -14.15 -10.36 20.43
N VAL A 360 -13.42 -11.20 21.16
CA VAL A 360 -12.16 -10.75 21.75
C VAL A 360 -11.14 -10.43 20.67
N GLN A 361 -11.04 -11.26 19.64
CA GLN A 361 -10.08 -10.96 18.57
C GLN A 361 -10.40 -9.60 17.96
N VAL A 362 -11.69 -9.32 17.75
CA VAL A 362 -12.07 -8.03 17.16
C VAL A 362 -11.74 -6.89 18.11
N ASP A 363 -12.10 -7.03 19.38
CA ASP A 363 -11.83 -5.95 20.33
C ASP A 363 -10.36 -5.65 20.44
N VAL A 364 -9.51 -6.68 20.42
CA VAL A 364 -8.08 -6.45 20.52
C VAL A 364 -7.56 -5.78 19.26
N LYS A 365 -7.92 -6.31 18.09
CA LYS A 365 -7.41 -5.75 16.85
C LYS A 365 -7.87 -4.31 16.67
N MET A 366 -9.13 -4.02 17.02
CA MET A 366 -9.63 -2.65 16.89
C MET A 366 -8.97 -1.71 17.89
N ALA A 367 -8.76 -2.20 19.11
CA ALA A 367 -8.11 -1.37 20.12
C ALA A 367 -6.74 -0.95 19.62
N ILE A 368 -6.04 -1.87 18.96
CA ILE A 368 -4.71 -1.56 18.45
C ILE A 368 -4.77 -0.62 17.26
N LEU A 369 -5.70 -0.84 16.34
CA LEU A 369 -5.80 0.08 15.21
C LEU A 369 -6.11 1.50 15.68
N GLN A 370 -6.96 1.61 16.70
CA GLN A 370 -7.30 2.94 17.21
C GLN A 370 -6.08 3.62 17.80
N ILE A 371 -5.26 2.88 18.56
CA ILE A 371 -4.03 3.48 19.07
C ILE A 371 -3.11 3.84 17.92
N MET A 372 -2.99 2.96 16.92
CA MET A 372 -2.14 3.26 15.77
C MET A 372 -2.57 4.55 15.10
N LYS A 373 -3.88 4.73 14.94
CA LYS A 373 -4.38 5.96 14.36
C LYS A 373 -3.90 7.18 15.14
N GLU A 374 -3.93 7.10 16.47
CA GLU A 374 -3.48 8.22 17.28
C GLU A 374 -1.97 8.42 17.18
N LEU A 375 -1.19 7.34 17.04
CA LEU A 375 0.25 7.51 16.85
C LEU A 375 0.55 8.23 15.55
N ASN A 376 -0.17 7.88 14.48
CA ASN A 376 0.07 8.60 13.22
C ASN A 376 -0.43 10.02 13.29
N LYS A 377 -1.51 10.29 14.03
CA LYS A 377 -1.93 11.66 14.18
C LYS A 377 -0.79 12.48 14.75
N ARG A 378 -0.16 11.94 15.79
CA ARG A 378 1.01 12.54 16.43
C ARG A 378 2.22 12.59 15.51
N GLY A 379 2.44 11.53 14.72
CA GLY A 379 3.57 11.54 13.81
C GLY A 379 3.52 12.74 12.89
N ARG A 380 2.34 13.01 12.35
CA ARG A 380 2.15 14.16 11.48
C ARG A 380 2.49 15.47 12.15
N VAL A 381 2.16 15.58 13.44
CA VAL A 381 2.48 16.77 14.21
C VAL A 381 3.96 16.88 14.45
N LEU A 382 4.60 15.78 14.81
CA LEU A 382 6.03 15.80 15.08
C LEU A 382 6.79 16.26 13.86
N VAL A 383 6.40 15.75 12.69
CA VAL A 383 7.06 16.15 11.45
C VAL A 383 6.80 17.63 11.17
N ASN A 384 5.56 18.06 11.36
CA ASN A 384 5.25 19.45 11.09
C ASN A 384 6.03 20.38 12.02
N ASP A 385 6.23 19.98 13.28
CA ASP A 385 7.05 20.80 14.17
C ASP A 385 8.45 20.94 13.61
N ALA A 386 9.03 19.80 13.18
CA ALA A 386 10.37 19.78 12.61
C ALA A 386 10.43 20.65 11.38
N GLN A 387 9.40 20.57 10.54
CA GLN A 387 9.37 21.33 9.30
C GLN A 387 9.36 22.82 9.57
N LYS A 388 8.66 23.26 10.63
CA LYS A 388 8.70 24.68 10.93
C LYS A 388 10.13 25.13 11.20
N VAL A 389 10.88 24.31 11.95
CA VAL A 389 12.28 24.67 12.25
C VAL A 389 13.09 24.71 10.97
N THR A 390 12.97 23.67 10.16
CA THR A 390 13.69 23.62 8.88
C THR A 390 13.36 24.82 8.00
N GLU A 391 12.08 25.19 7.92
CA GLU A 391 11.73 26.36 7.11
C GLU A 391 12.41 27.61 7.63
N GLY A 392 12.46 27.76 8.95
CA GLY A 392 13.15 28.91 9.53
C GLY A 392 14.59 28.95 9.14
N GLN A 393 15.29 27.83 9.33
CA GLN A 393 16.72 27.77 8.99
C GLN A 393 16.94 27.98 7.50
N GLN A 394 16.08 27.42 6.65
CA GLN A 394 16.23 27.62 5.21
C GLN A 394 15.92 29.05 4.80
N GLU A 395 14.97 29.71 5.48
CA GLU A 395 14.72 31.12 5.18
C GLU A 395 15.98 31.93 5.39
N ARG A 396 16.67 31.70 6.51
CA ARG A 396 17.92 32.40 6.80
C ARG A 396 18.99 32.09 5.78
N LEU A 397 19.22 30.79 5.53
CA LEU A 397 20.32 30.41 4.65
C LEU A 397 20.10 30.95 3.24
N GLU A 398 18.87 30.93 2.75
CA GLU A 398 18.62 31.48 1.42
C GLU A 398 18.77 33.00 1.44
N ARG A 399 18.36 33.67 2.52
CA ARG A 399 18.58 35.11 2.59
C ARG A 399 20.05 35.40 2.47
N GLN A 400 20.87 34.61 3.18
CA GLN A 400 22.32 34.79 3.17
C GLN A 400 22.92 34.43 1.83
N HIS A 401 22.38 33.41 1.17
CA HIS A 401 22.87 33.09 -0.15
C HIS A 401 22.52 34.21 -1.13
N TRP A 402 21.29 34.76 -1.01
CA TRP A 402 20.86 35.87 -1.86
C TRP A 402 21.78 37.05 -1.68
N THR A 403 22.13 37.35 -0.44
CA THR A 403 23.03 38.48 -0.15
C THR A 403 24.40 38.26 -0.75
N MET A 404 25.00 37.10 -0.47
CA MET A 404 26.35 36.83 -0.98
C MET A 404 26.37 36.83 -2.49
N THR A 405 25.34 36.26 -3.12
CA THR A 405 25.29 36.21 -4.58
C THR A 405 25.20 37.60 -5.17
N LYS A 406 24.39 38.44 -4.56
CA LYS A 406 24.18 39.78 -5.09
C LYS A 406 25.41 40.65 -4.88
N ILE A 407 26.06 40.50 -3.73
CA ILE A 407 27.31 41.23 -3.50
C ILE A 407 28.37 40.78 -4.47
N GLN A 408 28.44 39.47 -4.70
CA GLN A 408 29.37 38.93 -5.68
C GLN A 408 29.13 39.50 -7.06
N LYS A 409 27.86 39.62 -7.48
CA LYS A 409 27.59 40.19 -8.80
C LYS A 409 28.21 41.58 -8.90
N HIS A 410 28.07 42.38 -7.85
CA HIS A 410 28.69 43.70 -7.83
C HIS A 410 30.21 43.60 -7.94
N GLN A 411 30.82 42.74 -7.12
CA GLN A 411 32.28 42.61 -7.14
C GLN A 411 32.76 42.26 -8.53
N GLU A 412 32.05 41.34 -9.22
CA GLU A 412 32.47 40.94 -10.55
C GLU A 412 32.25 42.04 -11.55
N HIS A 413 31.18 42.83 -11.39
CA HIS A 413 30.96 43.96 -12.26
C HIS A 413 32.06 44.99 -12.11
N ILE A 414 32.49 45.26 -10.89
CA ILE A 414 33.55 46.24 -10.72
C ILE A 414 34.89 45.68 -11.17
N LEU A 415 35.17 44.42 -10.82
CA LEU A 415 36.45 43.83 -11.22
C LEU A 415 36.56 43.82 -12.73
N ARG A 416 35.47 43.48 -13.41
CA ARG A 416 35.46 43.43 -14.87
C ARG A 416 35.65 44.79 -15.50
N PHE A 417 34.95 45.80 -14.99
CA PHE A 417 35.05 47.13 -15.57
C PHE A 417 36.42 47.72 -15.35
N ALA A 418 36.89 47.66 -14.10
CA ALA A 418 38.20 48.23 -13.80
C ALA A 418 39.28 47.54 -14.61
N SER A 419 39.20 46.22 -14.74
CA SER A 419 40.22 45.53 -15.51
C SER A 419 40.16 45.97 -16.97
N TRP A 420 38.95 46.01 -17.53
CA TRP A 420 38.81 46.48 -18.90
C TRP A 420 39.40 47.86 -19.05
N ALA A 421 39.07 48.76 -18.12
CA ALA A 421 39.61 50.12 -18.18
C ALA A 421 41.13 50.11 -18.21
N LEU A 422 41.76 49.18 -17.47
CA LEU A 422 43.21 49.11 -17.42
C LEU A 422 43.84 48.41 -18.61
N GLU A 423 43.11 47.55 -19.33
CA GLU A 423 43.68 46.97 -20.55
C GLU A 423 43.78 48.01 -21.65
N SER A 424 42.90 48.99 -21.58
CA SER A 424 42.84 50.07 -22.55
C SER A 424 44.13 50.86 -22.61
N ASP A 425 44.49 51.28 -23.82
CA ASP A 425 45.61 52.17 -24.06
C ASP A 425 45.22 53.62 -23.90
N ASN A 426 43.94 53.91 -23.66
CA ASN A 426 43.42 55.28 -23.67
C ASN A 426 43.61 55.93 -22.31
N ASN A 427 44.83 56.45 -22.11
CA ASN A 427 45.15 57.04 -20.82
C ASN A 427 44.27 58.23 -20.47
N THR A 428 43.80 58.99 -21.46
CA THR A 428 42.93 60.11 -21.16
C THR A 428 41.59 59.61 -20.63
N ALA A 429 40.99 58.60 -21.29
CA ALA A 429 39.75 58.04 -20.80
C ALA A 429 39.94 57.47 -19.39
N LEU A 430 41.08 56.83 -19.14
CA LEU A 430 41.34 56.22 -17.84
C LEU A 430 41.35 57.29 -16.74
N LEU A 431 42.09 58.38 -16.97
CA LEU A 431 42.21 59.41 -15.97
C LEU A 431 40.87 60.13 -15.75
N LEU A 432 40.08 60.29 -16.81
CA LEU A 432 38.75 60.87 -16.69
C LEU A 432 37.81 59.95 -15.92
N SER A 433 38.02 58.63 -16.02
CA SER A 433 37.16 57.65 -15.38
C SER A 433 37.67 57.26 -14.00
N LYS A 434 38.81 57.82 -13.58
CA LYS A 434 39.45 57.33 -12.36
C LYS A 434 38.63 57.57 -11.12
N LYS A 435 37.98 58.73 -11.03
CA LYS A 435 37.22 59.03 -9.82
C LYS A 435 36.08 58.05 -9.66
N LEU A 436 35.40 57.73 -10.75
CA LEU A 436 34.26 56.82 -10.64
C LEU A 436 34.72 55.40 -10.37
N ILE A 437 35.79 54.94 -11.03
CA ILE A 437 36.20 53.55 -10.84
C ILE A 437 36.74 53.35 -9.44
N TYR A 438 37.58 54.27 -8.99
CA TYR A 438 38.17 54.18 -7.67
C TYR A 438 37.10 54.08 -6.62
N PHE A 439 36.10 54.94 -6.73
CA PHE A 439 35.02 54.96 -5.78
C PHE A 439 34.32 53.61 -5.67
N GLN A 440 33.98 53.00 -6.81
CA GLN A 440 33.32 51.71 -6.73
C GLN A 440 34.28 50.63 -6.22
N LEU A 441 35.57 50.75 -6.52
CA LEU A 441 36.51 49.75 -6.00
C LEU A 441 36.56 49.81 -4.50
N HIS A 442 36.64 51.00 -3.93
CA HIS A 442 36.67 51.09 -2.47
C HIS A 442 35.33 50.70 -1.88
N ARG A 443 34.24 51.10 -2.52
CA ARG A 443 32.94 50.75 -2.01
C ARG A 443 32.76 49.24 -1.96
N ALA A 444 33.16 48.52 -3.01
CA ALA A 444 33.06 47.07 -2.98
C ALA A 444 33.93 46.49 -1.87
N LEU A 445 35.13 47.06 -1.65
CA LEU A 445 36.02 46.57 -0.61
C LEU A 445 35.44 46.77 0.78
N LYS A 446 34.55 47.76 0.96
CA LYS A 446 33.99 47.95 2.29
C LYS A 446 32.82 47.04 2.61
N MET A 447 32.23 46.38 1.63
CA MET A 447 30.95 45.74 1.90
C MET A 447 31.05 44.59 2.90
N ILE A 448 30.02 44.52 3.73
CA ILE A 448 29.97 43.63 4.88
C ILE A 448 29.23 42.36 4.51
N VAL A 449 29.89 41.22 4.68
CA VAL A 449 29.25 39.94 4.46
C VAL A 449 29.36 39.13 5.75
N ASP A 450 28.24 39.06 6.49
CA ASP A 450 28.22 38.26 7.68
C ASP A 450 28.54 36.80 7.32
N PRO A 451 29.32 36.12 8.14
CA PRO A 451 29.59 34.69 7.91
C PRO A 451 28.35 33.87 8.22
N VAL A 452 28.31 32.64 7.68
CA VAL A 452 27.20 31.73 7.98
C VAL A 452 27.28 31.28 9.44
N GLU A 453 26.12 31.29 10.12
CA GLU A 453 26.03 30.82 11.50
C GLU A 453 26.01 29.29 11.57
N PRO A 454 26.49 28.73 12.69
CA PRO A 454 26.52 27.24 12.84
C PRO A 454 25.18 26.50 12.83
N HIS A 455 24.04 27.16 13.01
CA HIS A 455 22.70 26.56 13.09
C HIS A 455 22.68 25.11 13.58
N GLY A 456 22.34 24.88 14.83
CA GLY A 456 22.47 23.54 15.39
C GLY A 456 21.41 22.59 14.86
N GLU A 457 21.64 21.31 15.13
CA GLU A 457 20.77 20.28 14.61
C GLU A 457 19.68 19.97 15.62
N MET A 458 18.56 19.48 15.09
CA MET A 458 17.42 19.05 15.86
C MET A 458 17.34 17.53 15.73
N LYS A 459 16.85 16.89 16.77
CA LYS A 459 16.76 15.43 16.78
C LYS A 459 15.39 15.01 17.26
N PHE A 460 14.93 13.85 16.75
CA PHE A 460 13.72 13.24 17.26
C PHE A 460 14.05 12.42 18.51
N GLN A 461 13.29 12.66 19.58
CA GLN A 461 13.49 12.06 20.89
C GLN A 461 12.23 11.36 21.35
N TRP A 462 12.38 10.12 21.84
CA TRP A 462 11.27 9.35 22.39
C TRP A 462 11.87 8.27 23.27
N ASP A 463 11.01 7.67 24.10
CA ASP A 463 11.48 6.63 25.02
C ASP A 463 11.10 5.22 24.56
N LEU A 464 12.01 4.57 23.82
CA LEU A 464 11.71 3.23 23.32
C LEU A 464 11.44 2.22 24.43
N ASN A 465 12.25 2.17 25.47
CA ASN A 465 11.97 1.13 26.47
C ASN A 465 10.64 1.39 27.16
N ALA A 466 10.31 2.65 27.44
CA ALA A 466 9.04 2.91 28.09
C ALA A 466 7.88 2.41 27.24
N TRP A 467 7.94 2.63 25.92
CA TRP A 467 6.84 2.21 25.06
C TRP A 467 6.82 0.70 24.88
N THR A 468 7.97 0.03 24.85
CA THR A 468 7.90 -1.42 24.74
C THR A 468 7.26 -2.01 26.00
N LYS A 469 7.53 -1.43 27.18
CA LYS A 469 6.94 -2.00 28.38
C LYS A 469 5.46 -1.70 28.45
N SER A 470 5.02 -0.54 27.95
CA SER A 470 3.59 -0.25 27.95
C SER A 470 2.86 -1.17 27.00
N ALA A 471 3.45 -1.47 25.83
CA ALA A 471 2.81 -2.38 24.91
C ALA A 471 2.75 -3.79 25.47
N GLU A 472 3.84 -4.24 26.09
CA GLU A 472 3.87 -5.60 26.68
C GLU A 472 2.77 -5.76 27.71
N ALA A 473 2.41 -4.67 28.40
CA ALA A 473 1.37 -4.71 29.42
C ALA A 473 0.03 -4.19 28.90
N PHE A 474 -0.11 -4.04 27.59
CA PHE A 474 -1.33 -3.48 27.02
C PHE A 474 -2.52 -4.42 27.05
N GLY A 475 -3.62 -3.91 27.60
CA GLY A 475 -4.90 -4.59 27.63
C GLY A 475 -4.95 -5.75 28.62
N LYS A 476 -6.16 -6.29 28.76
CA LYS A 476 -6.42 -7.34 29.73
C LYS A 476 -7.60 -8.14 29.24
N ILE A 477 -7.54 -9.46 29.41
CA ILE A 477 -8.70 -10.30 29.13
C ILE A 477 -9.29 -10.76 30.45
N VAL A 478 -10.54 -10.39 30.65
CA VAL A 478 -11.27 -10.60 31.89
C VAL A 478 -12.26 -11.74 31.70
N ALA A 479 -12.16 -12.76 32.56
CA ALA A 479 -13.08 -13.88 32.53
C ALA A 479 -14.13 -13.75 33.64
N GLU A 480 -15.36 -14.19 33.32
CA GLU A 480 -16.48 -14.22 34.24
C GLU A 480 -17.16 -15.57 34.12
N ARG A 481 -17.76 -16.05 35.21
CA ARG A 481 -18.34 -17.39 35.20
C ARG A 481 -19.81 -17.37 34.74
N SER B 16 39.29 32.70 -10.98
CA SER B 16 39.47 31.45 -11.71
C SER B 16 40.29 31.71 -12.97
N SER B 17 39.77 31.30 -14.13
CA SER B 17 40.40 31.51 -15.43
C SER B 17 40.30 32.97 -15.84
N SER B 18 40.76 33.86 -14.96
CA SER B 18 40.39 35.29 -15.02
C SER B 18 41.49 36.11 -15.71
N GLU B 19 41.63 35.92 -17.02
CA GLU B 19 42.33 36.93 -17.79
C GLU B 19 41.67 38.29 -17.52
N ASN B 20 40.42 38.45 -17.96
CA ASN B 20 39.44 39.37 -17.39
C ASN B 20 38.10 38.68 -17.45
N LEU B 21 38.07 37.41 -17.06
CA LEU B 21 36.87 36.58 -17.16
C LEU B 21 36.30 36.36 -15.76
N TYR B 22 35.09 36.86 -15.56
CA TYR B 22 34.31 36.72 -14.34
C TYR B 22 32.90 36.31 -14.71
N PHE B 23 32.32 35.38 -13.96
CA PHE B 23 30.93 35.11 -14.29
C PHE B 23 30.16 34.51 -13.12
N GLN B 24 29.01 35.08 -12.84
CA GLN B 24 28.10 34.62 -11.78
C GLN B 24 27.44 33.38 -12.37
N GLY B 25 28.10 32.23 -12.23
CA GLY B 25 27.66 31.02 -12.89
C GLY B 25 26.37 30.38 -12.45
N ASN B 26 25.23 30.87 -12.96
CA ASN B 26 23.96 30.19 -12.76
C ASN B 26 23.05 30.43 -13.97
N ILE B 27 21.94 29.67 -13.98
CA ILE B 27 21.01 29.69 -15.13
C ILE B 27 20.39 31.04 -15.39
N PHE B 28 20.12 31.83 -14.35
CA PHE B 28 19.42 33.07 -14.63
C PHE B 28 20.36 34.07 -15.28
N GLU B 29 21.58 34.17 -14.75
CA GLU B 29 22.58 35.06 -15.34
C GLU B 29 22.96 34.60 -16.73
N MET B 30 23.02 33.28 -16.91
CA MET B 30 23.30 32.72 -18.22
C MET B 30 22.26 33.18 -19.23
N LEU B 31 20.98 33.06 -18.86
CA LEU B 31 19.92 33.44 -19.80
C LEU B 31 19.82 34.94 -19.99
N ARG B 32 20.13 35.75 -18.98
CA ARG B 32 20.08 37.20 -19.19
C ARG B 32 21.02 37.65 -20.30
N ILE B 33 22.16 36.98 -20.43
CA ILE B 33 23.08 37.28 -21.53
C ILE B 33 22.54 36.82 -22.86
N ASP B 34 21.94 35.63 -22.89
CA ASP B 34 21.44 35.10 -24.13
C ASP B 34 20.20 35.84 -24.57
N GLU B 35 19.44 36.41 -23.65
CA GLU B 35 18.18 37.07 -24.00
C GLU B 35 18.10 38.50 -23.47
N ARG B 36 18.20 39.46 -24.39
CA ARG B 36 18.05 40.87 -24.06
C ARG B 36 16.63 41.15 -23.59
N LEU B 37 16.51 41.98 -22.56
CA LEU B 37 15.21 42.36 -22.02
C LEU B 37 14.46 43.28 -22.98
N ARG B 38 13.23 42.90 -23.31
CA ARG B 38 12.38 43.72 -24.17
C ARG B 38 11.08 43.97 -23.42
N LEU B 39 10.81 45.23 -23.09
CA LEU B 39 9.62 45.56 -22.30
C LEU B 39 8.42 45.85 -23.20
N LYS B 40 8.60 45.76 -24.52
CA LYS B 40 7.57 45.93 -25.53
C LYS B 40 7.52 44.65 -26.37
N ILE B 41 6.30 44.27 -26.80
CA ILE B 41 6.17 43.07 -27.63
C ILE B 41 6.99 43.23 -28.90
N TYR B 42 7.70 42.16 -29.28
CA TYR B 42 8.54 42.20 -30.47
C TYR B 42 8.42 40.89 -31.24
N LYS B 43 8.74 40.95 -32.52
CA LYS B 43 8.76 39.74 -33.35
C LYS B 43 10.18 39.17 -33.34
N ASP B 44 10.31 37.87 -33.05
CA ASP B 44 11.62 37.25 -33.02
C ASP B 44 12.01 36.88 -34.45
N THR B 45 13.13 36.17 -34.62
CA THR B 45 13.65 35.87 -35.96
C THR B 45 12.88 34.79 -36.69
N GLU B 46 11.94 34.10 -36.05
CA GLU B 46 11.01 33.20 -36.74
C GLU B 46 9.64 33.82 -36.89
N GLY B 47 9.51 35.12 -36.57
CA GLY B 47 8.29 35.88 -36.70
C GLY B 47 7.30 35.75 -35.57
N TYR B 48 7.69 35.14 -34.46
CA TYR B 48 6.75 34.94 -33.36
C TYR B 48 6.76 36.15 -32.43
N TYR B 49 5.61 36.43 -31.83
CA TYR B 49 5.51 37.57 -30.93
C TYR B 49 5.96 37.14 -29.54
N THR B 50 7.00 37.81 -29.02
CA THR B 50 7.65 37.48 -27.76
C THR B 50 7.81 38.76 -26.94
N ILE B 51 8.10 38.64 -25.64
CA ILE B 51 8.32 39.81 -24.80
C ILE B 51 9.20 39.45 -23.61
N GLY B 52 9.73 40.49 -22.95
CA GLY B 52 10.45 40.26 -21.71
C GLY B 52 11.77 39.59 -21.99
N ILE B 53 12.03 38.51 -21.26
CA ILE B 53 13.26 37.77 -21.43
C ILE B 53 12.96 36.43 -22.11
N GLY B 54 12.88 36.45 -23.44
CA GLY B 54 12.68 35.22 -24.19
C GLY B 54 11.33 34.58 -24.00
N HIS B 55 10.28 35.34 -23.70
CA HIS B 55 8.95 34.79 -23.44
C HIS B 55 8.05 34.87 -24.66
N LEU B 56 7.60 33.70 -25.13
CA LEU B 56 6.69 33.62 -26.25
C LEU B 56 5.24 33.85 -25.84
N LEU B 57 4.58 34.78 -26.53
CA LEU B 57 3.18 35.09 -26.32
C LEU B 57 2.27 34.23 -27.21
N THR B 58 2.55 34.15 -28.52
CA THR B 58 1.70 33.39 -29.43
C THR B 58 2.46 32.93 -30.65
N LYS B 59 2.09 31.75 -31.17
CA LYS B 59 2.69 31.29 -32.42
C LYS B 59 1.90 31.70 -33.65
N SER B 60 0.58 31.56 -33.65
CA SER B 60 -0.16 32.07 -34.79
C SER B 60 0.20 33.55 -34.92
N PRO B 61 0.51 34.02 -36.13
CA PRO B 61 0.98 35.41 -36.33
C PRO B 61 -0.12 36.44 -36.16
N SER B 62 -0.79 36.40 -35.01
CA SER B 62 -1.91 37.31 -34.79
C SER B 62 -1.47 38.65 -34.21
N LEU B 63 -1.84 39.73 -34.90
CA LEU B 63 -1.99 41.09 -34.33
C LEU B 63 -2.43 41.26 -32.91
N ASN B 64 -3.26 40.39 -32.39
CA ASN B 64 -3.84 40.66 -31.10
C ASN B 64 -3.76 39.47 -30.22
N ALA B 65 -3.56 38.26 -30.75
CA ALA B 65 -3.35 37.16 -29.82
C ALA B 65 -2.18 37.50 -28.90
N ALA B 66 -1.14 38.14 -29.46
CA ALA B 66 0.02 38.52 -28.65
C ALA B 66 -0.36 39.50 -27.56
N LYS B 67 -1.16 40.51 -27.88
CA LYS B 67 -1.54 41.50 -26.87
C LYS B 67 -2.43 40.86 -25.81
N SER B 68 -3.31 39.96 -26.25
CA SER B 68 -4.23 39.28 -25.34
C SER B 68 -3.49 38.35 -24.39
N GLU B 69 -2.56 37.56 -24.91
CA GLU B 69 -1.77 36.68 -24.07
C GLU B 69 -0.91 37.48 -23.12
N LEU B 70 -0.44 38.65 -23.57
CA LEU B 70 0.30 39.53 -22.67
C LEU B 70 -0.59 39.98 -21.52
N ASP B 71 -1.80 40.47 -21.85
CA ASP B 71 -2.71 40.90 -20.79
C ASP B 71 -3.01 39.74 -19.86
N LYS B 72 -3.18 38.55 -20.43
CA LYS B 72 -3.53 37.35 -19.66
C LYS B 72 -2.43 36.92 -18.72
N ALA B 73 -1.20 36.81 -19.25
CA ALA B 73 -0.06 36.34 -18.47
C ALA B 73 0.25 37.29 -17.33
N ILE B 74 0.04 38.57 -17.54
CA ILE B 74 0.35 39.59 -16.55
C ILE B 74 -0.82 39.83 -15.62
N GLY B 75 -2.04 39.78 -16.13
CA GLY B 75 -3.16 40.11 -15.28
C GLY B 75 -3.44 41.57 -15.32
N ARG B 76 -2.99 42.26 -16.38
CA ARG B 76 -3.08 43.70 -16.50
C ARG B 76 -3.41 44.07 -17.93
N ASN B 77 -3.89 45.30 -18.12
CA ASN B 77 -4.21 45.76 -19.47
C ASN B 77 -2.92 46.27 -20.09
N CYS B 78 -2.23 45.37 -20.79
CA CYS B 78 -0.89 45.65 -21.34
C CYS B 78 -1.06 45.86 -22.84
N ASN B 79 -0.97 47.13 -23.26
CA ASN B 79 -1.20 47.48 -24.65
C ASN B 79 -0.19 46.78 -25.55
N GLY B 80 1.01 46.57 -25.01
CA GLY B 80 2.11 45.90 -25.64
C GLY B 80 3.29 46.05 -24.71
N VAL B 81 3.05 46.58 -23.50
CA VAL B 81 4.10 46.95 -22.56
C VAL B 81 3.89 46.29 -21.22
N ILE B 82 4.99 45.79 -20.66
CA ILE B 82 5.06 45.31 -19.30
C ILE B 82 6.15 46.08 -18.60
N THR B 83 6.16 45.95 -17.29
CA THR B 83 7.23 46.51 -16.49
C THR B 83 8.33 45.46 -16.40
N LYS B 84 9.52 45.91 -15.99
CA LYS B 84 10.60 44.95 -15.78
C LYS B 84 10.23 43.98 -14.70
N ASP B 85 9.61 44.47 -13.61
CA ASP B 85 9.22 43.54 -12.57
C ASP B 85 8.35 42.46 -13.16
N GLU B 86 7.42 42.85 -14.03
CA GLU B 86 6.56 41.87 -14.70
C GLU B 86 7.38 40.95 -15.57
N ALA B 87 8.36 41.50 -16.30
CA ALA B 87 9.24 40.67 -17.12
C ALA B 87 9.98 39.65 -16.26
N GLU B 88 10.49 40.12 -15.11
CA GLU B 88 11.21 39.24 -14.20
C GLU B 88 10.30 38.17 -13.63
N LYS B 89 9.04 38.50 -13.39
CA LYS B 89 8.12 37.49 -12.91
C LYS B 89 7.92 36.42 -13.98
N LEU B 90 7.70 36.85 -15.22
CA LEU B 90 7.55 35.89 -16.30
C LEU B 90 8.80 35.04 -16.45
N PHE B 91 9.96 35.67 -16.37
CA PHE B 91 11.24 34.99 -16.56
C PHE B 91 11.43 33.90 -15.52
N ASN B 92 11.22 34.22 -14.24
CA ASN B 92 11.40 33.18 -13.25
C ASN B 92 10.40 32.05 -13.47
N GLN B 93 9.16 32.41 -13.84
CA GLN B 93 8.17 31.37 -14.08
C GLN B 93 8.62 30.48 -15.22
N ASP B 94 9.12 31.11 -16.29
CA ASP B 94 9.56 30.36 -17.47
C ASP B 94 10.78 29.50 -17.21
N VAL B 95 11.71 29.95 -16.36
CA VAL B 95 12.82 29.08 -16.01
C VAL B 95 12.32 27.88 -15.20
N ASP B 96 11.46 28.15 -14.21
CA ASP B 96 10.91 27.07 -13.40
C ASP B 96 10.22 26.04 -14.29
N ALA B 97 9.49 26.55 -15.29
CA ALA B 97 8.77 25.68 -16.23
C ALA B 97 9.74 24.80 -17.02
N ALA B 98 10.83 25.40 -17.50
CA ALA B 98 11.80 24.62 -18.27
C ALA B 98 12.36 23.50 -17.42
N VAL B 99 12.61 23.78 -16.14
CA VAL B 99 13.20 22.75 -15.28
C VAL B 99 12.21 21.62 -15.02
N ARG B 100 10.96 21.95 -14.73
CA ARG B 100 9.97 20.89 -14.52
C ARG B 100 9.85 20.05 -15.78
N GLY B 101 9.89 20.71 -16.94
CA GLY B 101 9.81 19.98 -18.19
C GLY B 101 10.91 18.96 -18.33
N ILE B 102 12.10 19.28 -17.84
CA ILE B 102 13.19 18.30 -17.88
C ILE B 102 12.86 17.12 -16.98
N LEU B 103 12.43 17.43 -15.75
CA LEU B 103 12.29 16.42 -14.71
C LEU B 103 11.18 15.42 -15.02
N ARG B 104 10.09 15.87 -15.62
CA ARG B 104 9.00 14.95 -15.93
C ARG B 104 9.22 14.22 -17.24
N ASN B 105 10.28 14.55 -17.97
CA ASN B 105 10.55 13.97 -19.29
C ASN B 105 11.48 12.78 -19.17
N ALA B 106 11.01 11.63 -19.65
CA ALA B 106 11.73 10.36 -19.50
C ALA B 106 13.11 10.36 -20.15
N LYS B 107 13.32 11.16 -21.19
CA LYS B 107 14.61 11.15 -21.87
C LYS B 107 15.57 12.21 -21.36
N LEU B 108 15.04 13.35 -20.89
CA LEU B 108 15.90 14.43 -20.45
C LEU B 108 16.33 14.24 -19.01
N LYS B 109 15.43 13.77 -18.15
CA LYS B 109 15.67 13.67 -16.72
C LYS B 109 16.92 12.86 -16.36
N PRO B 110 17.08 11.63 -16.85
CA PRO B 110 18.30 10.87 -16.48
C PRO B 110 19.59 11.56 -16.90
N VAL B 111 19.56 12.37 -17.96
CA VAL B 111 20.75 13.06 -18.43
C VAL B 111 21.03 14.21 -17.48
N TYR B 112 20.00 15.00 -17.22
CA TYR B 112 20.09 16.13 -16.29
C TYR B 112 20.69 15.66 -14.98
N ASP B 113 20.17 14.56 -14.43
CA ASP B 113 20.66 14.05 -13.15
C ASP B 113 22.17 13.77 -13.19
N SER B 114 22.66 13.25 -14.31
CA SER B 114 24.07 12.86 -14.40
C SER B 114 25.01 14.04 -14.50
N LEU B 115 24.51 15.25 -14.75
CA LEU B 115 25.35 16.39 -15.05
C LEU B 115 25.70 17.23 -13.83
N ASP B 116 26.89 17.85 -13.90
CA ASP B 116 27.30 18.89 -12.97
C ASP B 116 26.43 20.13 -13.19
N ALA B 117 26.45 21.03 -12.20
CA ALA B 117 25.57 22.20 -12.25
C ALA B 117 25.81 23.06 -13.47
N VAL B 118 27.05 23.18 -13.92
CA VAL B 118 27.28 24.04 -15.08
C VAL B 118 26.58 23.44 -16.27
N ARG B 119 26.86 22.18 -16.54
CA ARG B 119 26.25 21.50 -17.67
C ARG B 119 24.74 21.36 -17.50
N ARG B 120 24.25 21.25 -16.27
CA ARG B 120 22.79 21.24 -16.12
C ARG B 120 22.20 22.54 -16.65
N CYS B 121 22.85 23.66 -16.37
CA CYS B 121 22.35 24.93 -16.86
C CYS B 121 22.38 24.98 -18.37
N ALA B 122 23.43 24.42 -18.99
CA ALA B 122 23.49 24.38 -20.44
C ALA B 122 22.31 23.62 -21.00
N LEU B 123 21.93 22.52 -20.34
CA LEU B 123 20.77 21.75 -20.77
C LEU B 123 19.49 22.54 -20.54
N ILE B 124 19.36 23.20 -19.38
CA ILE B 124 18.15 23.98 -19.15
C ILE B 124 18.05 25.08 -20.19
N ASN B 125 19.20 25.69 -20.54
CA ASN B 125 19.20 26.74 -21.55
C ASN B 125 18.53 26.24 -22.82
N MET B 126 18.92 25.05 -23.28
CA MET B 126 18.33 24.51 -24.49
C MET B 126 16.84 24.34 -24.32
N VAL B 127 16.41 23.79 -23.18
CA VAL B 127 14.99 23.58 -22.98
C VAL B 127 14.25 24.92 -22.95
N PHE B 128 14.83 25.92 -22.28
CA PHE B 128 14.21 27.24 -22.25
C PHE B 128 13.98 27.78 -23.66
N GLN B 129 14.96 27.59 -24.55
CA GLN B 129 14.91 28.13 -25.90
C GLN B 129 13.98 27.32 -26.81
N MET B 130 14.00 25.98 -26.70
CA MET B 130 13.37 25.12 -27.68
C MET B 130 12.21 24.29 -27.17
N GLY B 131 12.03 24.12 -25.87
CA GLY B 131 11.00 23.22 -25.34
C GLY B 131 11.55 21.83 -25.10
N GLU B 132 10.96 21.14 -24.09
CA GLU B 132 11.45 19.82 -23.71
C GLU B 132 11.32 18.81 -24.85
N THR B 133 10.35 18.98 -25.74
CA THR B 133 10.19 17.99 -26.80
C THR B 133 11.28 18.17 -27.83
N GLY B 134 11.55 19.42 -28.19
CA GLY B 134 12.63 19.69 -29.12
C GLY B 134 13.97 19.21 -28.58
N VAL B 135 14.23 19.46 -27.29
CA VAL B 135 15.51 19.03 -26.75
C VAL B 135 15.58 17.52 -26.64
N ALA B 136 14.46 16.86 -26.28
CA ALA B 136 14.47 15.40 -26.26
C ALA B 136 14.84 14.83 -27.61
N GLY B 137 14.54 15.57 -28.69
CA GLY B 137 14.88 15.14 -30.04
C GLY B 137 16.37 14.95 -30.31
N PHE B 138 17.26 15.62 -29.56
CA PHE B 138 18.70 15.52 -29.81
C PHE B 138 19.24 14.25 -29.14
N THR B 139 18.68 13.11 -29.55
CA THR B 139 18.93 11.85 -28.83
C THR B 139 20.40 11.45 -28.82
N ASN B 140 21.07 11.56 -29.95
CA ASN B 140 22.44 11.09 -29.96
C ASN B 140 23.27 12.01 -29.08
N SER B 141 23.01 13.31 -29.10
CA SER B 141 23.79 14.22 -28.26
C SER B 141 23.53 13.99 -26.78
N LEU B 142 22.26 13.79 -26.40
CA LEU B 142 21.92 13.57 -24.99
C LEU B 142 22.64 12.35 -24.44
N ARG B 143 22.65 11.28 -25.23
CA ARG B 143 23.35 10.04 -24.87
C ARG B 143 24.83 10.31 -24.64
N MET B 144 25.44 11.05 -25.56
CA MET B 144 26.86 11.34 -25.45
C MET B 144 27.17 12.07 -24.15
N LEU B 145 26.33 13.04 -23.80
CA LEU B 145 26.54 13.81 -22.58
C LEU B 145 26.40 12.96 -21.32
N GLN B 146 25.39 12.08 -21.28
CA GLN B 146 25.23 11.26 -20.08
C GLN B 146 26.47 10.40 -19.87
N GLN B 147 27.15 10.03 -20.95
CA GLN B 147 28.39 9.28 -20.94
C GLN B 147 29.64 10.16 -20.88
N LYS B 148 29.50 11.44 -20.52
CA LYS B 148 30.57 12.43 -20.68
C LYS B 148 30.79 12.65 -22.18
N ARG B 149 31.88 12.17 -22.76
CA ARG B 149 32.13 12.36 -24.19
C ARG B 149 31.82 13.81 -24.57
N TRP B 150 32.40 14.72 -23.82
CA TRP B 150 32.03 16.12 -23.93
C TRP B 150 32.46 16.69 -25.27
N ASP B 151 33.68 16.41 -25.70
CA ASP B 151 34.11 16.90 -27.01
C ASP B 151 33.21 16.35 -28.11
N GLU B 152 32.77 15.10 -27.95
CA GLU B 152 31.98 14.44 -28.98
C GLU B 152 30.58 15.03 -29.04
N ALA B 153 29.98 15.29 -27.87
CA ALA B 153 28.67 15.92 -27.84
C ALA B 153 28.74 17.31 -28.46
N ALA B 154 29.83 18.02 -28.20
CA ALA B 154 30.01 19.35 -28.77
C ALA B 154 29.97 19.28 -30.28
N VAL B 155 30.69 18.32 -30.86
CA VAL B 155 30.70 18.20 -32.31
C VAL B 155 29.34 17.81 -32.84
N ASN B 156 28.66 16.84 -32.22
CA ASN B 156 27.38 16.41 -32.77
C ASN B 156 26.37 17.56 -32.71
N LEU B 157 26.35 18.31 -31.60
CA LEU B 157 25.41 19.43 -31.49
C LEU B 157 25.64 20.51 -32.54
N ALA B 158 26.89 20.74 -32.96
CA ALA B 158 27.17 21.75 -33.98
C ALA B 158 26.68 21.34 -35.36
N LYS B 159 26.21 20.11 -35.54
CA LYS B 159 25.66 19.63 -36.81
C LYS B 159 24.16 19.89 -36.92
N SER B 160 23.52 20.46 -35.88
CA SER B 160 22.08 20.63 -35.79
C SER B 160 21.54 21.88 -36.51
N ILE B 161 20.20 21.87 -36.67
CA ILE B 161 19.49 23.05 -37.15
C ILE B 161 19.57 24.18 -36.14
N TRP B 162 19.44 23.85 -34.85
CA TRP B 162 19.62 24.83 -33.78
C TRP B 162 20.84 25.66 -34.03
N TYR B 163 21.97 25.00 -34.24
CA TYR B 163 23.23 25.69 -34.44
C TYR B 163 23.15 26.62 -35.63
N ASN B 164 22.64 26.13 -36.77
CA ASN B 164 22.62 27.00 -37.94
C ASN B 164 21.71 28.19 -37.70
N GLN B 165 20.64 28.01 -36.90
CA GLN B 165 19.68 29.11 -36.74
C GLN B 165 20.20 30.15 -35.78
N THR B 166 20.80 29.71 -34.68
CA THR B 166 21.31 30.59 -33.62
C THR B 166 22.72 30.16 -33.23
N PRO B 167 23.68 30.29 -34.15
CA PRO B 167 25.03 29.75 -33.89
C PRO B 167 25.75 30.43 -32.73
N ASN B 168 25.46 31.70 -32.47
CA ASN B 168 26.20 32.37 -31.41
C ASN B 168 25.78 31.84 -30.07
N ARG B 169 24.47 31.66 -29.87
CA ARG B 169 24.04 31.03 -28.64
C ARG B 169 24.49 29.58 -28.56
N ALA B 170 24.33 28.84 -29.66
CA ALA B 170 24.70 27.43 -29.64
C ALA B 170 26.18 27.27 -29.32
N LYS B 171 27.03 28.16 -29.86
CA LYS B 171 28.45 28.06 -29.57
C LYS B 171 28.69 28.26 -28.06
N ARG B 172 27.96 29.19 -27.45
CA ARG B 172 28.13 29.42 -26.02
C ARG B 172 27.65 28.22 -25.20
N VAL B 173 26.48 27.68 -25.55
CA VAL B 173 25.96 26.54 -24.82
C VAL B 173 26.84 25.33 -25.03
N ILE B 174 27.27 25.11 -26.28
CA ILE B 174 28.14 23.97 -26.56
C ILE B 174 29.46 24.09 -25.83
N THR B 175 30.04 25.30 -25.79
CA THR B 175 31.28 25.44 -25.03
C THR B 175 31.07 25.10 -23.57
N THR B 176 29.92 25.50 -23.02
CA THR B 176 29.60 25.17 -21.63
C THR B 176 29.49 23.66 -21.47
N PHE B 177 28.82 22.95 -22.41
CA PHE B 177 28.78 21.49 -22.27
C PHE B 177 30.17 20.89 -22.40
N ARG B 178 30.96 21.41 -23.34
CA ARG B 178 32.27 20.81 -23.59
C ARG B 178 33.20 21.01 -22.41
N THR B 179 33.37 22.24 -21.99
CA THR B 179 34.40 22.56 -21.02
C THR B 179 33.92 22.47 -19.58
N GLY B 180 32.62 22.58 -19.37
CA GLY B 180 32.08 22.62 -18.03
C GLY B 180 32.43 23.88 -17.31
N THR B 181 32.93 24.88 -18.02
CA THR B 181 33.34 26.15 -17.44
C THR B 181 32.28 27.14 -17.88
N TRP B 182 32.44 28.36 -17.39
CA TRP B 182 31.58 29.45 -17.79
C TRP B 182 32.28 30.45 -18.70
N ASP B 183 33.41 30.04 -19.30
CA ASP B 183 34.24 31.00 -20.01
C ASP B 183 33.50 31.64 -21.19
N ALA B 184 32.68 30.89 -21.92
CA ALA B 184 31.99 31.53 -23.04
C ALA B 184 31.10 32.68 -22.56
N TYR B 185 30.51 32.52 -21.35
CA TYR B 185 29.66 33.57 -20.79
C TYR B 185 30.45 34.69 -20.15
N ALA B 186 31.58 34.35 -19.52
CA ALA B 186 32.44 35.40 -19.00
C ALA B 186 32.93 36.27 -20.13
N ALA B 187 33.27 35.63 -21.25
CA ALA B 187 33.73 36.36 -22.43
C ALA B 187 32.62 37.23 -23.01
N GLU B 188 31.38 36.73 -23.11
CA GLU B 188 30.33 37.60 -23.62
C GLU B 188 30.01 38.71 -22.63
N ALA B 189 30.05 38.43 -21.32
CA ALA B 189 29.80 39.50 -20.36
C ALA B 189 30.83 40.60 -20.55
N LEU B 190 32.06 40.23 -20.87
CA LEU B 190 33.11 41.21 -21.12
C LEU B 190 32.84 41.98 -22.38
N GLU B 191 32.53 41.28 -23.47
CA GLU B 191 32.19 41.94 -24.71
C GLU B 191 31.10 42.97 -24.48
N LEU B 192 30.10 42.60 -23.70
CA LEU B 192 28.96 43.47 -23.46
C LEU B 192 29.31 44.77 -22.73
N LEU B 193 30.49 44.90 -22.13
CA LEU B 193 30.82 46.19 -21.56
C LEU B 193 30.84 47.28 -22.62
N GLU B 194 31.08 46.88 -23.86
CA GLU B 194 31.18 47.77 -25.00
C GLU B 194 29.83 47.98 -25.67
N HIS B 195 28.74 47.43 -25.12
CA HIS B 195 27.42 47.57 -25.70
C HIS B 195 26.47 48.21 -24.70
N CYS B 196 25.46 48.92 -25.22
CA CYS B 196 24.50 49.61 -24.36
C CYS B 196 23.81 48.63 -23.43
N GLY B 197 23.79 48.97 -22.14
CA GLY B 197 23.15 48.13 -21.15
C GLY B 197 21.69 47.88 -21.43
N VAL B 198 21.08 48.63 -22.33
CA VAL B 198 19.63 48.53 -22.58
C VAL B 198 19.31 47.89 -23.92
N CYS B 199 19.88 48.42 -25.00
CA CYS B 199 19.55 47.99 -26.35
C CYS B 199 20.61 47.10 -26.96
N ARG B 200 21.75 46.94 -26.31
CA ARG B 200 22.91 46.18 -26.73
C ARG B 200 23.56 46.70 -28.02
N GLU B 201 23.26 47.92 -28.46
CA GLU B 201 24.02 48.43 -29.59
C GLU B 201 25.45 48.69 -29.15
N ARG B 202 26.39 48.40 -30.04
CA ARG B 202 27.77 48.78 -29.74
C ARG B 202 27.84 50.28 -29.50
N LEU B 203 28.60 50.65 -28.47
CA LEU B 203 28.65 52.06 -28.04
C LEU B 203 29.61 52.88 -28.91
N ARG B 204 29.21 53.04 -30.17
CA ARG B 204 29.97 53.92 -31.04
C ARG B 204 29.64 55.36 -30.66
N PRO B 205 30.55 56.29 -30.99
CA PRO B 205 30.30 57.71 -30.63
C PRO B 205 28.97 58.24 -31.12
N GLU B 206 28.47 57.74 -32.25
CA GLU B 206 27.19 58.19 -32.80
C GLU B 206 26.04 57.92 -31.83
N ARG B 207 26.24 57.02 -30.86
CA ARG B 207 25.24 56.66 -29.86
C ARG B 207 25.32 57.57 -28.65
N GLU B 208 26.32 58.45 -28.60
CA GLU B 208 26.61 59.32 -27.45
C GLU B 208 26.61 58.47 -26.18
N PRO B 209 27.53 57.53 -26.06
CA PRO B 209 27.58 56.62 -24.89
C PRO B 209 27.90 57.38 -23.62
N ARG B 210 27.22 57.01 -22.53
CA ARG B 210 27.34 57.68 -21.25
C ARG B 210 27.64 56.67 -20.16
N LEU B 211 28.50 57.04 -19.22
CA LEU B 211 28.92 56.17 -18.12
C LEU B 211 28.29 56.65 -16.82
N LEU B 212 27.49 55.79 -16.21
CA LEU B 212 26.85 56.15 -14.96
C LEU B 212 27.78 55.82 -13.78
N PRO B 213 27.55 56.48 -12.63
CA PRO B 213 28.45 56.26 -11.48
C PRO B 213 28.56 54.83 -11.00
N CYS B 214 27.65 53.95 -11.42
CA CYS B 214 27.67 52.56 -11.06
C CYS B 214 28.34 51.76 -12.15
N LEU B 215 29.09 52.44 -13.01
CA LEU B 215 29.88 51.90 -14.11
C LEU B 215 29.09 51.09 -15.11
N HIS B 216 27.76 51.19 -15.11
CA HIS B 216 26.99 50.72 -16.25
C HIS B 216 26.93 51.88 -17.21
N SER B 217 26.91 51.59 -18.49
CA SER B 217 26.88 52.67 -19.46
C SER B 217 25.78 52.42 -20.48
N ALA B 218 25.37 53.50 -21.14
CA ALA B 218 24.28 53.40 -22.07
C ALA B 218 24.32 54.54 -23.10
N CYS B 219 23.63 54.28 -24.22
CA CYS B 219 23.38 55.31 -25.19
C CYS B 219 22.72 56.47 -24.47
N SER B 220 23.05 57.71 -24.81
CA SER B 220 22.37 58.78 -24.11
C SER B 220 20.87 58.65 -24.32
N ALA B 221 20.47 58.20 -25.51
CA ALA B 221 19.07 58.02 -25.87
C ALA B 221 18.38 56.98 -24.99
N CYS B 222 19.12 56.10 -24.31
CA CYS B 222 18.53 55.06 -23.49
C CYS B 222 18.41 55.45 -22.04
N LEU B 223 18.69 56.70 -21.69
CA LEU B 223 18.54 57.22 -20.32
C LEU B 223 17.36 58.18 -20.29
N GLY B 224 16.63 58.17 -19.17
CA GLY B 224 15.53 59.09 -18.95
C GLY B 224 15.98 60.41 -18.36
N PRO B 225 15.10 61.06 -17.55
CA PRO B 225 15.35 62.38 -16.95
C PRO B 225 16.79 62.60 -16.47
N GLY B 243 21.85 68.25 -9.92
CA GLY B 243 20.53 68.66 -10.39
C GLY B 243 19.47 67.58 -10.27
N THR B 244 19.00 67.09 -11.42
CA THR B 244 17.97 66.05 -11.49
C THR B 244 18.58 64.67 -11.28
N VAL B 245 17.72 63.64 -11.20
CA VAL B 245 18.23 62.31 -10.95
C VAL B 245 17.81 61.33 -12.03
N VAL B 246 18.68 60.35 -12.26
CA VAL B 246 18.48 59.29 -13.24
C VAL B 246 18.56 57.95 -12.52
N ASP B 247 17.67 57.05 -12.88
CA ASP B 247 17.71 55.68 -12.38
C ASP B 247 18.47 54.85 -13.39
N CYS B 248 19.47 54.12 -12.92
CA CYS B 248 20.23 53.29 -13.86
C CYS B 248 19.31 52.22 -14.45
N PRO B 249 19.20 52.16 -15.79
CA PRO B 249 18.39 51.09 -16.43
C PRO B 249 18.87 49.68 -16.10
N VAL B 250 20.15 49.52 -15.80
CA VAL B 250 20.76 48.26 -15.39
C VAL B 250 21.03 48.38 -13.90
N CYS B 251 20.30 47.64 -13.04
CA CYS B 251 20.54 47.64 -11.60
C CYS B 251 19.77 48.71 -10.82
N LYS B 252 19.13 49.66 -11.50
CA LYS B 252 18.27 50.64 -10.82
C LYS B 252 18.87 51.61 -9.81
N GLN B 253 20.18 51.60 -9.68
CA GLN B 253 20.83 52.46 -8.70
C GLN B 253 20.69 53.88 -9.18
N GLN B 254 20.30 54.78 -8.27
CA GLN B 254 20.02 56.16 -8.65
C GLN B 254 21.23 57.04 -8.50
N CYS B 255 21.33 58.04 -9.40
CA CYS B 255 22.39 59.02 -9.33
C CYS B 255 21.90 60.38 -9.79
N PHE B 256 22.69 61.41 -9.51
CA PHE B 256 22.39 62.72 -10.04
C PHE B 256 22.88 62.78 -11.48
N SER B 257 22.04 63.36 -12.33
CA SER B 257 22.38 63.45 -13.74
C SER B 257 23.66 64.25 -13.95
N LYS B 258 23.98 65.19 -13.06
CA LYS B 258 25.21 65.97 -13.19
C LYS B 258 26.43 65.09 -13.05
N ASP B 259 26.28 63.91 -12.44
CA ASP B 259 27.38 62.99 -12.19
C ASP B 259 27.58 62.00 -13.32
N ILE B 260 26.68 61.97 -14.30
CA ILE B 260 26.87 61.07 -15.44
C ILE B 260 27.89 61.70 -16.37
N VAL B 261 28.83 60.91 -16.83
CA VAL B 261 29.93 61.39 -17.64
C VAL B 261 29.91 60.64 -18.95
N GLU B 262 30.71 61.11 -19.89
CA GLU B 262 30.82 60.39 -21.14
C GLU B 262 31.56 59.08 -20.90
N ASN B 263 31.13 58.02 -21.59
CA ASN B 263 31.95 56.81 -21.57
C ASN B 263 33.10 57.07 -22.52
N TYR B 264 34.20 57.64 -21.98
CA TYR B 264 35.25 58.12 -22.88
C TYR B 264 35.97 56.99 -23.58
N PHE B 265 35.86 55.77 -23.06
CA PHE B 265 36.56 54.68 -23.72
C PHE B 265 35.86 54.37 -25.02
N MET B 266 34.53 54.51 -25.03
CA MET B 266 33.74 54.13 -26.20
C MET B 266 33.54 55.31 -27.12
N ARG B 267 33.42 56.50 -26.53
CA ARG B 267 33.38 57.76 -27.29
C ARG B 267 34.50 57.83 -28.32
N ASP B 268 35.69 57.36 -27.93
CA ASP B 268 36.88 57.36 -28.78
C ASP B 268 37.01 56.07 -29.58
N SER B 269 36.02 55.15 -29.51
CA SER B 269 36.11 53.86 -30.21
C SER B 269 36.04 54.02 -31.72
N GLY B 270 35.51 55.12 -32.20
CA GLY B 270 35.40 55.38 -33.61
C GLY B 270 36.55 56.17 -34.17
N SER B 271 37.60 56.44 -33.39
CA SER B 271 38.68 57.26 -33.90
C SER B 271 40.08 56.96 -33.33
N GLY B 272 40.16 56.35 -32.14
CA GLY B 272 41.35 56.42 -31.33
C GLY B 272 41.32 57.57 -30.33
N GLU B 273 42.30 57.57 -29.43
CA GLU B 273 42.30 58.52 -28.31
C GLU B 273 42.26 59.97 -28.79
N ARG B 274 41.44 60.78 -28.11
CA ARG B 274 41.22 62.18 -28.49
C ARG B 274 41.62 63.09 -27.34
N THR B 275 42.24 64.24 -27.63
CA THR B 275 42.39 65.23 -26.59
C THR B 275 41.00 65.66 -26.14
N VAL B 276 40.78 65.68 -24.83
CA VAL B 276 39.54 66.24 -24.30
C VAL B 276 39.80 67.68 -23.87
N TYR B 277 38.77 68.53 -24.00
CA TYR B 277 38.89 69.96 -23.74
C TYR B 277 38.05 70.38 -22.55
N CYS B 278 38.47 71.47 -21.91
CA CYS B 278 37.80 71.94 -20.70
C CYS B 278 36.39 72.43 -21.00
N ASN B 279 35.49 72.19 -20.02
CA ASN B 279 34.08 72.51 -20.15
C ASN B 279 33.84 74.01 -20.10
N VAL B 280 34.85 74.73 -19.65
CA VAL B 280 34.79 76.16 -19.39
C VAL B 280 35.72 76.90 -20.32
N HIS B 281 37.00 76.54 -20.29
CA HIS B 281 38.03 77.13 -21.14
C HIS B 281 38.05 76.28 -22.40
N LYS B 282 36.97 76.43 -23.18
CA LYS B 282 36.63 75.50 -24.26
C LYS B 282 37.70 75.38 -25.33
N HIS B 283 38.72 76.22 -25.36
CA HIS B 283 39.76 76.04 -26.37
C HIS B 283 41.00 75.37 -25.80
N GLU B 284 41.03 75.11 -24.44
CA GLU B 284 42.21 74.53 -23.83
C GLU B 284 42.04 73.04 -23.58
N PRO B 285 43.04 72.26 -23.99
CA PRO B 285 43.00 70.82 -23.75
C PRO B 285 43.33 70.47 -22.31
N LEU B 286 42.83 69.32 -21.87
CA LEU B 286 43.14 68.84 -20.53
C LEU B 286 44.49 68.15 -20.60
N VAL B 287 45.46 68.65 -19.85
CA VAL B 287 46.83 68.14 -20.00
C VAL B 287 47.46 67.80 -18.65
N LEU B 288 46.79 68.16 -17.55
CA LEU B 288 47.27 67.92 -16.20
C LEU B 288 46.31 67.00 -15.46
N PHE B 289 46.82 66.19 -14.52
CA PHE B 289 45.96 65.41 -13.63
C PHE B 289 46.05 66.00 -12.22
N CYS B 290 44.94 66.54 -11.72
CA CYS B 290 44.92 67.12 -10.37
C CYS B 290 44.69 66.01 -9.34
N GLU B 291 45.75 65.66 -8.62
CA GLU B 291 45.66 64.60 -7.63
C GLU B 291 44.76 65.01 -6.45
N SER B 292 44.82 66.27 -6.03
CA SER B 292 43.94 66.72 -4.94
C SER B 292 42.46 66.60 -5.29
N CYS B 293 42.09 66.79 -6.56
CA CYS B 293 40.70 66.68 -6.99
C CYS B 293 40.47 65.42 -7.79
N ASP B 294 41.50 64.62 -7.97
CA ASP B 294 41.41 63.33 -8.65
C ASP B 294 40.74 63.41 -10.02
N THR B 295 41.08 64.44 -10.82
CA THR B 295 40.51 64.59 -12.16
C THR B 295 41.40 65.42 -13.08
N LEU B 296 41.21 65.24 -14.40
CA LEU B 296 42.00 66.04 -15.35
C LEU B 296 41.56 67.51 -15.43
N THR B 297 42.53 68.38 -15.71
CA THR B 297 42.33 69.82 -15.79
C THR B 297 43.12 70.39 -16.96
N CYS B 298 42.71 71.57 -17.43
CA CYS B 298 43.50 72.34 -18.39
C CYS B 298 44.40 73.31 -17.63
N ARG B 299 45.39 73.86 -18.36
CA ARG B 299 46.37 74.73 -17.71
C ARG B 299 45.70 75.89 -16.98
N ASP B 300 44.71 76.52 -17.60
CA ASP B 300 44.07 77.68 -16.97
C ASP B 300 43.33 77.27 -15.69
N CYS B 301 42.67 76.12 -15.67
CA CYS B 301 42.03 75.79 -14.39
C CYS B 301 43.06 75.38 -13.34
N GLN B 302 44.14 74.72 -13.73
CA GLN B 302 45.08 74.32 -12.70
C GLN B 302 45.75 75.55 -12.10
N LEU B 303 46.05 76.54 -12.94
CA LEU B 303 46.69 77.78 -12.47
C LEU B 303 45.72 78.67 -11.68
N ASN B 304 44.45 78.73 -12.07
CA ASN B 304 43.53 79.63 -11.39
C ASN B 304 42.58 78.92 -10.45
N ALA B 305 41.61 78.19 -11.00
CA ALA B 305 40.56 77.59 -10.18
C ALA B 305 41.14 76.63 -9.15
N HIS B 306 42.20 75.89 -9.51
CA HIS B 306 42.77 74.87 -8.65
C HIS B 306 44.11 75.31 -8.03
N LYS B 307 44.37 76.60 -7.94
CA LYS B 307 45.62 77.08 -7.36
C LYS B 307 45.85 76.51 -5.96
N ASP B 308 47.10 76.13 -5.69
CA ASP B 308 47.59 75.60 -4.42
C ASP B 308 47.09 74.19 -4.06
N HIS B 309 46.91 73.30 -5.04
CA HIS B 309 46.76 71.89 -4.71
C HIS B 309 47.43 71.05 -5.80
N GLN B 310 47.61 69.75 -5.49
CA GLN B 310 48.66 68.95 -6.13
C GLN B 310 48.28 68.31 -7.45
N TYR B 311 49.27 68.31 -8.38
CA TYR B 311 49.10 67.80 -9.74
C TYR B 311 50.42 67.35 -10.36
N GLN B 312 50.31 66.58 -11.45
CA GLN B 312 51.38 66.25 -12.37
C GLN B 312 50.87 66.40 -13.81
N PHE B 313 51.77 66.35 -14.79
CA PHE B 313 51.28 66.34 -16.17
C PHE B 313 50.76 64.94 -16.49
N LEU B 314 49.78 64.90 -17.40
CA LEU B 314 49.02 63.68 -17.66
C LEU B 314 49.86 62.43 -17.82
N GLU B 315 50.83 62.44 -18.74
CA GLU B 315 51.60 61.22 -18.95
C GLU B 315 52.46 60.86 -17.73
N ASP B 316 52.73 61.79 -16.83
CA ASP B 316 53.49 61.47 -15.63
C ASP B 316 52.60 60.79 -14.60
N ALA B 317 51.40 61.35 -14.41
CA ALA B 317 50.46 60.86 -13.40
C ALA B 317 49.95 59.46 -13.71
N VAL B 318 49.78 59.15 -14.99
CA VAL B 318 49.04 57.93 -15.33
C VAL B 318 49.71 56.67 -14.77
N ARG B 319 51.04 56.61 -14.70
CA ARG B 319 51.65 55.36 -14.23
C ARG B 319 51.25 55.04 -12.80
N ASN B 320 51.31 56.02 -11.90
CA ASN B 320 50.91 55.75 -10.52
C ASN B 320 49.41 55.52 -10.45
N GLN B 321 48.60 56.22 -11.25
CA GLN B 321 47.17 55.98 -11.21
C GLN B 321 46.84 54.55 -11.62
N ARG B 322 47.58 54.02 -12.61
CA ARG B 322 47.33 52.62 -13.02
C ARG B 322 47.73 51.66 -11.92
N LYS B 323 48.79 51.98 -11.16
CA LYS B 323 49.23 51.07 -10.11
C LYS B 323 48.25 51.07 -8.95
N LEU B 324 47.72 52.25 -8.59
CA LEU B 324 46.80 52.31 -7.47
C LEU B 324 45.58 51.47 -7.76
N LEU B 325 45.04 51.66 -8.96
CA LEU B 325 43.83 50.97 -9.37
C LEU B 325 44.06 49.48 -9.48
N ALA B 326 45.16 49.06 -10.11
CA ALA B 326 45.44 47.63 -10.24
C ALA B 326 45.55 46.99 -8.88
N SER B 327 46.08 47.74 -7.90
CA SER B 327 46.23 47.20 -6.55
C SER B 327 44.90 46.99 -5.88
N LEU B 328 43.97 47.94 -6.08
CA LEU B 328 42.64 47.76 -5.53
C LEU B 328 41.97 46.57 -6.17
N VAL B 329 42.21 46.36 -7.46
CA VAL B 329 41.64 45.21 -8.12
C VAL B 329 42.18 43.93 -7.51
N LYS B 330 43.49 43.87 -7.24
CA LYS B 330 44.03 42.67 -6.60
C LYS B 330 43.34 42.43 -5.27
N ARG B 331 43.17 43.50 -4.48
CA ARG B 331 42.52 43.35 -3.19
C ARG B 331 41.08 42.87 -3.33
N LEU B 332 40.34 43.45 -4.28
CA LEU B 332 38.94 43.07 -4.48
C LEU B 332 38.81 41.64 -4.99
N GLY B 333 39.72 41.22 -5.85
CA GLY B 333 39.72 39.84 -6.30
C GLY B 333 39.96 38.88 -5.15
N ASP B 334 40.78 39.28 -4.16
CA ASP B 334 40.98 38.41 -3.02
C ASP B 334 39.71 38.32 -2.20
N LYS B 335 39.06 39.47 -1.99
CA LYS B 335 37.81 39.45 -1.26
C LYS B 335 36.77 38.62 -2.00
N HIS B 336 36.77 38.73 -3.31
CA HIS B 336 35.86 37.95 -4.15
C HIS B 336 36.09 36.46 -3.94
N ALA B 337 37.35 36.03 -3.97
CA ALA B 337 37.66 34.61 -3.75
C ALA B 337 37.15 34.15 -2.39
N THR B 338 37.25 35.00 -1.37
CA THR B 338 36.74 34.64 -0.05
C THR B 338 35.23 34.50 -0.07
N LEU B 339 34.55 35.43 -0.73
CA LEU B 339 33.10 35.36 -0.81
C LEU B 339 32.65 34.12 -1.58
N GLN B 340 33.37 33.74 -2.65
CA GLN B 340 33.00 32.52 -3.34
C GLN B 340 33.08 31.34 -2.40
N LYS B 341 34.10 31.29 -1.54
CA LYS B 341 34.19 30.18 -0.61
C LYS B 341 33.03 30.24 0.37
N SER B 342 32.73 31.45 0.85
CA SER B 342 31.66 31.61 1.82
C SER B 342 30.32 31.18 1.26
N THR B 343 30.09 31.46 -0.02
CA THR B 343 28.84 31.09 -0.64
C THR B 343 28.71 29.58 -0.76
N LYS B 344 29.80 28.91 -1.15
CA LYS B 344 29.78 27.46 -1.21
C LYS B 344 29.49 26.87 0.16
N GLU B 345 30.02 27.47 1.23
CA GLU B 345 29.70 26.97 2.57
C GLU B 345 28.20 27.06 2.81
N VAL B 346 27.57 28.14 2.35
CA VAL B 346 26.14 28.31 2.60
C VAL B 346 25.33 27.24 1.86
N ARG B 347 25.72 26.93 0.63
CA ARG B 347 25.00 25.89 -0.09
C ARG B 347 25.07 24.57 0.63
N SER B 348 26.23 24.26 1.20
CA SER B 348 26.35 23.02 1.95
C SER B 348 25.47 23.05 3.18
N SER B 349 25.41 24.18 3.89
CA SER B 349 24.54 24.24 5.06
C SER B 349 23.10 24.00 4.65
N ILE B 350 22.72 24.49 3.49
CA ILE B 350 21.36 24.31 2.97
C ILE B 350 21.08 22.83 2.74
N ARG B 351 21.98 22.13 2.06
CA ARG B 351 21.80 20.71 1.87
C ARG B 351 21.74 20.01 3.22
N GLN B 352 22.55 20.46 4.20
CA GLN B 352 22.52 19.80 5.51
C GLN B 352 21.18 19.94 6.20
N VAL B 353 20.62 21.15 6.28
CA VAL B 353 19.37 21.29 7.04
C VAL B 353 18.28 20.50 6.37
N SER B 354 18.32 20.43 5.04
CA SER B 354 17.37 19.60 4.30
C SER B 354 17.51 18.15 4.73
N ASP B 355 18.74 17.66 4.80
CA ASP B 355 18.97 16.27 5.22
C ASP B 355 18.62 16.05 6.68
N VAL B 356 18.83 17.03 7.56
CA VAL B 356 18.36 16.80 8.94
C VAL B 356 16.86 16.56 8.93
N GLN B 357 16.13 17.33 8.12
CA GLN B 357 14.68 17.16 8.07
C GLN B 357 14.32 15.75 7.65
N LYS B 358 14.99 15.24 6.62
CA LYS B 358 14.69 13.89 6.17
C LYS B 358 15.02 12.89 7.27
N ARG B 359 16.12 13.11 7.97
CA ARG B 359 16.48 12.24 9.08
C ARG B 359 15.35 12.19 10.09
N VAL B 360 14.84 13.36 10.48
CA VAL B 360 13.78 13.40 11.48
C VAL B 360 12.52 12.73 10.98
N GLN B 361 12.15 12.96 9.72
CA GLN B 361 10.94 12.30 9.21
C GLN B 361 11.09 10.79 9.26
N VAL B 362 12.27 10.30 8.91
CA VAL B 362 12.52 8.86 8.96
C VAL B 362 12.53 8.38 10.40
N ASP B 363 13.23 9.08 11.29
CA ASP B 363 13.27 8.65 12.68
C ASP B 363 11.86 8.58 13.27
N VAL B 364 11.01 9.54 12.93
CA VAL B 364 9.65 9.56 13.47
C VAL B 364 8.87 8.36 12.97
N LYS B 365 8.92 8.15 11.65
CA LYS B 365 8.16 7.04 11.07
C LYS B 365 8.67 5.70 11.59
N MET B 366 9.99 5.54 11.72
CA MET B 366 10.51 4.28 12.24
C MET B 366 10.15 4.11 13.71
N ALA B 367 10.14 5.19 14.49
CA ALA B 367 9.73 5.07 15.89
C ALA B 367 8.32 4.55 15.99
N ILE B 368 7.42 5.05 15.13
CA ILE B 368 6.03 4.62 15.20
C ILE B 368 5.91 3.18 14.74
N LEU B 369 6.58 2.83 13.65
CA LEU B 369 6.53 1.45 13.17
C LEU B 369 7.07 0.51 14.23
N GLN B 370 8.10 0.92 14.96
CA GLN B 370 8.64 0.07 16.02
C GLN B 370 7.58 -0.14 17.08
N ILE B 371 6.87 0.92 17.46
CA ILE B 371 5.79 0.76 18.44
C ILE B 371 4.68 -0.11 17.88
N MET B 372 4.32 0.10 16.62
CA MET B 372 3.27 -0.72 16.02
C MET B 372 3.65 -2.20 16.12
N LYS B 373 4.92 -2.51 15.90
CA LYS B 373 5.36 -3.91 15.99
C LYS B 373 5.09 -4.47 17.39
N GLU B 374 5.46 -3.72 18.43
CA GLU B 374 5.22 -4.26 19.77
C GLU B 374 3.73 -4.36 20.05
N LEU B 375 2.93 -3.42 19.54
CA LEU B 375 1.50 -3.53 19.74
C LEU B 375 0.94 -4.77 19.06
N ASN B 376 1.39 -5.06 17.83
CA ASN B 376 0.90 -6.26 17.19
C ASN B 376 1.39 -7.51 17.92
N LYS B 377 2.60 -7.48 18.51
CA LYS B 377 3.06 -8.62 19.29
C LYS B 377 2.14 -8.85 20.48
N ARG B 378 1.81 -7.77 21.20
CA ARG B 378 0.87 -7.93 22.32
C ARG B 378 -0.48 -8.39 21.84
N GLY B 379 -0.92 -7.88 20.69
CA GLY B 379 -2.20 -8.33 20.15
C GLY B 379 -2.22 -9.83 20.01
N ARG B 380 -1.16 -10.38 19.41
CA ARG B 380 -1.10 -11.84 19.23
C ARG B 380 -1.11 -12.56 20.57
N VAL B 381 -0.46 -11.99 21.59
CA VAL B 381 -0.45 -12.65 22.90
C VAL B 381 -1.84 -12.68 23.52
N LEU B 382 -2.53 -11.54 23.46
CA LEU B 382 -3.86 -11.47 24.03
C LEU B 382 -4.76 -12.48 23.36
N VAL B 383 -4.66 -12.59 22.03
CA VAL B 383 -5.50 -13.56 21.35
C VAL B 383 -5.13 -14.97 21.76
N ASN B 384 -3.82 -15.28 21.83
CA ASN B 384 -3.44 -16.63 22.26
C ASN B 384 -3.90 -16.90 23.68
N ASP B 385 -3.94 -15.88 24.56
CA ASP B 385 -4.48 -16.12 25.91
C ASP B 385 -5.94 -16.52 25.81
N ALA B 386 -6.73 -15.79 25.00
CA ALA B 386 -8.14 -16.13 24.82
C ALA B 386 -8.30 -17.49 24.18
N GLN B 387 -7.46 -17.78 23.18
CA GLN B 387 -7.54 -19.04 22.44
C GLN B 387 -7.25 -20.22 23.35
N LYS B 388 -6.34 -20.04 24.31
CA LYS B 388 -6.03 -21.10 25.25
C LYS B 388 -7.29 -21.51 25.99
N VAL B 389 -8.08 -20.52 26.42
CA VAL B 389 -9.34 -20.79 27.11
C VAL B 389 -10.32 -21.50 26.19
N THR B 390 -10.51 -20.92 25.01
CA THR B 390 -11.48 -21.42 24.03
C THR B 390 -11.18 -22.85 23.60
N GLU B 391 -9.93 -23.17 23.29
CA GLU B 391 -9.61 -24.53 22.86
C GLU B 391 -9.99 -25.54 23.94
N GLY B 392 -9.76 -25.18 25.20
CA GLY B 392 -10.13 -26.07 26.29
C GLY B 392 -11.61 -26.37 26.32
N GLN B 393 -12.43 -25.32 26.34
CA GLN B 393 -13.87 -25.52 26.38
C GLN B 393 -14.38 -26.19 25.12
N GLN B 394 -13.85 -25.80 23.97
CA GLN B 394 -14.36 -26.38 22.73
C GLN B 394 -14.01 -27.86 22.62
N GLU B 395 -12.82 -28.24 23.06
CA GLU B 395 -12.49 -29.67 23.01
C GLU B 395 -13.57 -30.44 23.74
N ARG B 396 -14.00 -29.93 24.90
CA ARG B 396 -15.06 -30.58 25.67
C ARG B 396 -16.40 -30.55 24.95
N LEU B 397 -16.87 -29.37 24.56
CA LEU B 397 -18.20 -29.28 23.95
C LEU B 397 -18.24 -30.04 22.64
N GLU B 398 -17.14 -29.97 21.87
CA GLU B 398 -17.13 -30.71 20.61
C GLU B 398 -17.12 -32.20 20.88
N ARG B 399 -16.41 -32.65 21.93
CA ARG B 399 -16.47 -34.07 22.25
C ARG B 399 -17.89 -34.48 22.57
N GLN B 400 -18.59 -33.66 23.37
CA GLN B 400 -19.95 -33.99 23.77
C GLN B 400 -20.90 -33.92 22.57
N HIS B 401 -20.73 -32.93 21.70
CA HIS B 401 -21.61 -32.90 20.54
C HIS B 401 -21.39 -34.12 19.66
N TRP B 402 -20.12 -34.55 19.52
CA TRP B 402 -19.80 -35.77 18.78
C TRP B 402 -20.45 -36.98 19.40
N THR B 403 -20.42 -37.07 20.74
CA THR B 403 -21.07 -38.16 21.44
C THR B 403 -22.58 -38.13 21.22
N MET B 404 -23.19 -36.97 21.47
CA MET B 404 -24.64 -36.88 21.32
C MET B 404 -25.06 -37.22 19.90
N THR B 405 -24.31 -36.74 18.93
CA THR B 405 -24.66 -37.01 17.54
C THR B 405 -24.57 -38.50 17.22
N LYS B 406 -23.49 -39.15 17.65
CA LYS B 406 -23.30 -40.56 17.30
C LYS B 406 -24.30 -41.43 18.06
N ILE B 407 -24.61 -41.09 19.31
CA ILE B 407 -25.66 -41.80 20.03
C ILE B 407 -27.00 -41.60 19.34
N GLN B 408 -27.29 -40.36 18.94
CA GLN B 408 -28.54 -40.10 18.21
C GLN B 408 -28.63 -40.93 16.94
N LYS B 409 -27.52 -41.03 16.20
CA LYS B 409 -27.57 -41.85 14.99
C LYS B 409 -27.96 -43.27 15.32
N HIS B 410 -27.39 -43.84 16.39
CA HIS B 410 -27.78 -45.18 16.80
C HIS B 410 -29.26 -45.23 17.10
N GLN B 411 -29.74 -44.27 17.89
CA GLN B 411 -31.15 -44.24 18.27
C GLN B 411 -32.04 -44.21 17.06
N GLU B 412 -31.69 -43.41 16.06
CA GLU B 412 -32.51 -43.31 14.86
C GLU B 412 -32.43 -44.57 14.02
N HIS B 413 -31.27 -45.20 14.01
CA HIS B 413 -31.17 -46.46 13.29
C HIS B 413 -32.07 -47.51 13.91
N ILE B 414 -32.10 -47.59 15.24
CA ILE B 414 -32.92 -48.62 15.87
C ILE B 414 -34.39 -48.29 15.72
N LEU B 415 -34.78 -47.02 15.93
CA LEU B 415 -36.19 -46.65 15.76
C LEU B 415 -36.65 -46.83 14.32
N ARG B 416 -35.80 -46.48 13.36
CA ARG B 416 -36.18 -46.63 11.94
C ARG B 416 -36.43 -48.09 11.63
N PHE B 417 -35.54 -48.95 12.11
CA PHE B 417 -35.64 -50.37 11.83
C PHE B 417 -36.81 -51.00 12.56
N ALA B 418 -36.91 -50.73 13.87
CA ALA B 418 -37.96 -51.36 14.66
C ALA B 418 -39.32 -50.99 14.11
N SER B 419 -39.51 -49.74 13.70
CA SER B 419 -40.80 -49.38 13.12
C SER B 419 -41.03 -50.08 11.79
N TRP B 420 -39.99 -50.16 10.94
CA TRP B 420 -40.10 -50.87 9.66
C TRP B 420 -40.47 -52.32 9.86
N ALA B 421 -39.78 -52.98 10.78
CA ALA B 421 -40.05 -54.39 11.07
C ALA B 421 -41.49 -54.59 11.50
N LEU B 422 -42.05 -53.62 12.25
CA LEU B 422 -43.44 -53.68 12.70
C LEU B 422 -44.41 -53.20 11.62
N GLU B 423 -43.95 -52.32 10.71
CA GLU B 423 -44.83 -51.91 9.61
C GLU B 423 -45.09 -53.10 8.72
N SER B 424 -44.14 -54.03 8.70
CA SER B 424 -44.24 -55.25 7.92
C SER B 424 -45.32 -56.19 8.42
N ASP B 425 -45.99 -56.84 7.47
CA ASP B 425 -46.97 -57.88 7.76
C ASP B 425 -46.31 -59.22 7.97
N ASN B 426 -44.98 -59.30 7.80
CA ASN B 426 -44.27 -60.59 7.84
C ASN B 426 -43.94 -60.96 9.27
N ASN B 427 -44.97 -61.48 9.93
CA ASN B 427 -44.89 -61.88 11.33
C ASN B 427 -43.86 -62.97 11.56
N THR B 428 -43.65 -63.84 10.58
CA THR B 428 -42.61 -64.86 10.74
C THR B 428 -41.25 -64.21 10.87
N ALA B 429 -40.94 -63.30 9.93
CA ALA B 429 -39.66 -62.60 9.97
C ALA B 429 -39.52 -61.80 11.24
N LEU B 430 -40.61 -61.17 11.67
CA LEU B 430 -40.59 -60.36 12.88
C LEU B 430 -40.20 -61.21 14.08
N LEU B 431 -40.83 -62.38 14.22
CA LEU B 431 -40.51 -63.24 15.37
C LEU B 431 -39.13 -63.87 15.22
N LEU B 432 -38.72 -64.24 14.01
CA LEU B 432 -37.43 -64.87 13.85
C LEU B 432 -36.29 -63.94 14.26
N SER B 433 -36.45 -62.64 14.03
CA SER B 433 -35.44 -61.64 14.34
C SER B 433 -35.75 -60.82 15.60
N LYS B 434 -36.81 -61.14 16.34
CA LYS B 434 -37.19 -60.35 17.51
C LYS B 434 -36.05 -60.23 18.51
N LYS B 435 -35.19 -61.26 18.59
CA LYS B 435 -34.10 -61.27 19.55
C LYS B 435 -33.09 -60.16 19.25
N LEU B 436 -32.73 -59.98 17.98
CA LEU B 436 -31.71 -59.00 17.65
C LEU B 436 -32.24 -57.59 17.90
N ILE B 437 -33.52 -57.38 17.58
CA ILE B 437 -34.14 -56.05 17.73
C ILE B 437 -34.29 -55.67 19.19
N TYR B 438 -34.82 -56.59 19.97
CA TYR B 438 -35.06 -56.38 21.39
C TYR B 438 -33.80 -55.95 22.10
N PHE B 439 -32.70 -56.65 21.81
CA PHE B 439 -31.39 -56.30 22.37
C PHE B 439 -31.00 -54.87 22.05
N GLN B 440 -31.11 -54.47 20.78
CA GLN B 440 -30.70 -53.11 20.43
C GLN B 440 -31.64 -52.07 21.02
N LEU B 441 -32.91 -52.38 21.19
CA LEU B 441 -33.79 -51.41 21.83
C LEU B 441 -33.36 -51.19 23.27
N HIS B 442 -33.09 -52.27 24.01
CA HIS B 442 -32.66 -52.13 25.40
C HIS B 442 -31.31 -51.47 25.48
N ARG B 443 -30.41 -51.84 24.57
CA ARG B 443 -29.08 -51.25 24.60
C ARG B 443 -29.13 -49.74 24.40
N ALA B 444 -29.92 -49.27 23.43
CA ALA B 444 -30.02 -47.83 23.24
C ALA B 444 -30.59 -47.13 24.47
N LEU B 445 -31.57 -47.77 25.13
CA LEU B 445 -32.19 -47.22 26.33
C LEU B 445 -31.23 -47.11 27.51
N LYS B 446 -30.16 -47.90 27.54
CA LYS B 446 -29.12 -47.81 28.58
C LYS B 446 -28.05 -46.77 28.27
N MET B 447 -28.07 -46.14 27.08
CA MET B 447 -26.97 -45.28 26.65
C MET B 447 -26.83 -44.07 27.57
N ILE B 448 -25.59 -43.75 27.92
CA ILE B 448 -25.30 -42.67 28.88
C ILE B 448 -24.82 -41.43 28.15
N VAL B 449 -25.54 -40.33 28.37
CA VAL B 449 -25.20 -39.02 27.83
C VAL B 449 -25.12 -38.01 28.97
N ASP B 450 -23.91 -37.65 29.35
CA ASP B 450 -23.75 -36.60 30.33
C ASP B 450 -24.36 -35.30 29.78
N PRO B 451 -24.90 -34.46 30.66
CA PRO B 451 -25.61 -33.23 30.24
C PRO B 451 -24.70 -32.11 29.74
N VAL B 452 -25.30 -31.15 29.02
CA VAL B 452 -24.54 -29.99 28.49
C VAL B 452 -24.06 -29.13 29.67
N GLU B 453 -22.72 -29.05 29.85
CA GLU B 453 -22.22 -28.22 30.94
C GLU B 453 -21.98 -26.77 30.47
N PRO B 454 -22.33 -25.78 31.30
CA PRO B 454 -22.11 -24.35 30.94
C PRO B 454 -20.65 -23.93 30.79
N HIS B 455 -20.47 -22.65 30.40
CA HIS B 455 -19.23 -22.12 29.86
C HIS B 455 -19.12 -20.71 30.44
N GLY B 456 -17.90 -20.29 30.81
CA GLY B 456 -17.63 -18.93 31.22
C GLY B 456 -17.53 -18.08 29.97
N GLU B 457 -17.49 -16.78 30.18
CA GLU B 457 -17.31 -15.83 29.10
C GLU B 457 -16.14 -14.90 29.42
N MET B 458 -15.56 -14.30 28.37
CA MET B 458 -14.47 -13.36 28.59
C MET B 458 -14.59 -12.14 27.68
N LYS B 459 -14.06 -11.01 28.19
CA LYS B 459 -14.12 -9.73 27.53
C LYS B 459 -12.78 -9.03 27.54
N PHE B 460 -12.46 -8.36 26.44
CA PHE B 460 -11.26 -7.55 26.35
C PHE B 460 -11.46 -6.18 26.98
N GLN B 461 -10.52 -5.78 27.83
CA GLN B 461 -10.59 -4.53 28.58
C GLN B 461 -9.34 -3.69 28.39
N TRP B 462 -9.50 -2.39 28.14
CA TRP B 462 -8.35 -1.50 28.03
C TRP B 462 -8.73 -0.03 28.18
N ASP B 463 -7.71 0.80 28.45
CA ASP B 463 -7.97 2.23 28.69
C ASP B 463 -7.70 3.07 27.46
N LEU B 464 -8.78 3.28 26.67
CA LEU B 464 -8.68 4.05 25.45
C LEU B 464 -8.06 5.41 25.69
N ASN B 465 -8.53 6.09 26.73
CA ASN B 465 -8.09 7.47 26.96
C ASN B 465 -6.64 7.55 27.43
N ALA B 466 -6.20 6.66 28.31
CA ALA B 466 -4.80 6.72 28.73
C ALA B 466 -3.88 6.53 27.53
N TRP B 467 -4.24 5.62 26.63
CA TRP B 467 -3.40 5.36 25.48
C TRP B 467 -3.50 6.50 24.48
N THR B 468 -4.68 7.10 24.35
CA THR B 468 -4.77 8.22 23.41
C THR B 468 -3.87 9.36 23.87
N LYS B 469 -3.82 9.61 25.16
CA LYS B 469 -3.00 10.70 25.68
C LYS B 469 -1.51 10.33 25.72
N SER B 470 -1.13 9.06 25.80
CA SER B 470 0.29 8.76 25.57
C SER B 470 0.68 8.98 24.11
N ALA B 471 -0.17 8.58 23.17
CA ALA B 471 -0.11 9.15 21.83
C ALA B 471 -0.44 10.64 22.03
N GLU B 472 -0.49 11.44 20.96
CA GLU B 472 -0.70 12.87 21.18
C GLU B 472 0.46 13.55 21.94
N ALA B 473 0.99 12.92 23.02
CA ALA B 473 2.11 13.45 23.83
C ALA B 473 3.37 12.57 23.75
N PHE B 474 3.50 11.83 22.64
CA PHE B 474 4.52 10.79 22.41
C PHE B 474 5.98 11.25 22.52
N GLY B 475 6.39 12.27 21.76
CA GLY B 475 7.78 12.69 21.71
C GLY B 475 7.96 14.09 21.12
N LYS B 476 9.24 14.44 20.94
CA LYS B 476 9.76 15.70 20.38
C LYS B 476 11.16 15.35 19.88
N ILE B 477 11.73 16.13 18.93
CA ILE B 477 11.74 17.44 18.26
C ILE B 477 12.51 18.39 19.20
N VAL B 478 13.83 18.20 19.26
CA VAL B 478 14.70 18.92 20.19
C VAL B 478 15.34 20.11 19.49
N SER C 27 37.05 56.97 11.53
CA SER C 27 36.11 57.00 12.65
C SER C 27 35.62 55.58 12.98
N GLU C 28 35.92 55.14 14.21
CA GLU C 28 35.84 53.73 14.58
C GLU C 28 34.60 52.96 14.14
N LEU C 29 33.42 53.38 14.57
CA LEU C 29 32.19 52.70 14.21
C LEU C 29 31.42 53.40 13.10
N GLU C 30 31.72 54.69 12.86
CA GLU C 30 31.04 55.43 11.82
C GLU C 30 31.41 54.86 10.46
N ASP C 31 32.65 54.36 10.35
CA ASP C 31 33.09 53.73 9.12
C ASP C 31 32.38 52.40 8.91
N LEU C 32 32.11 51.69 10.01
CA LEU C 32 31.32 50.46 9.91
C LEU C 32 29.89 50.75 9.51
N LYS C 33 29.29 51.77 10.11
CA LYS C 33 27.94 52.15 9.72
C LYS C 33 27.89 52.49 8.23
N ASP C 34 28.88 53.24 7.73
CA ASP C 34 28.89 53.51 6.29
C ASP C 34 29.08 52.23 5.49
N ALA C 35 29.94 51.31 5.95
CA ALA C 35 30.09 50.05 5.21
C ALA C 35 28.77 49.30 5.15
N LYS C 36 28.02 49.29 6.26
CA LYS C 36 26.69 48.66 6.25
C LYS C 36 25.78 49.40 5.29
N LEU C 37 25.83 50.73 5.30
CA LEU C 37 24.97 51.49 4.40
C LEU C 37 25.25 51.15 2.94
N GLN C 38 26.53 51.12 2.54
CA GLN C 38 26.82 50.85 1.14
C GLN C 38 26.43 49.42 0.78
N THR C 39 26.54 48.50 1.73
CA THR C 39 26.10 47.14 1.46
C THR C 39 24.61 47.10 1.21
N LEU C 40 23.83 47.81 2.05
CA LEU C 40 22.38 47.81 1.82
C LEU C 40 22.01 48.50 0.52
N LYS C 41 22.71 49.58 0.19
CA LYS C 41 22.36 50.32 -1.02
C LYS C 41 22.52 49.44 -2.23
N GLU C 42 23.53 48.57 -2.21
CA GLU C 42 23.71 47.66 -3.32
C GLU C 42 22.59 46.63 -3.36
N LEU C 43 22.11 46.22 -2.18
CA LEU C 43 21.08 45.20 -2.13
C LEU C 43 19.71 45.78 -2.46
N PHE C 44 19.44 47.03 -2.04
CA PHE C 44 18.14 47.68 -2.19
C PHE C 44 18.30 49.02 -2.88
N PRO C 45 18.51 48.98 -4.20
CA PRO C 45 18.90 50.20 -4.94
C PRO C 45 17.90 51.36 -4.94
N GLN C 46 16.64 51.19 -4.58
CA GLN C 46 15.74 52.33 -4.65
C GLN C 46 15.11 52.62 -3.30
N ARG C 47 15.91 52.51 -2.25
CA ARG C 47 15.55 52.94 -0.91
C ARG C 47 16.48 54.12 -0.57
N SER C 48 15.95 55.09 0.16
CA SER C 48 16.75 56.25 0.52
C SER C 48 17.83 55.86 1.53
N ASP C 49 18.90 56.67 1.58
CA ASP C 49 19.91 56.38 2.58
C ASP C 49 19.33 56.51 3.99
N ASN C 50 18.35 57.37 4.17
CA ASN C 50 17.78 57.50 5.51
C ASN C 50 17.00 56.26 5.92
N ASP C 51 16.23 55.67 5.02
CA ASP C 51 15.55 54.44 5.42
C ASP C 51 16.57 53.34 5.71
N LEU C 52 17.60 53.24 4.88
CA LEU C 52 18.57 52.17 5.09
C LEU C 52 19.34 52.39 6.38
N LEU C 53 19.66 53.65 6.71
CA LEU C 53 20.33 53.93 7.98
C LEU C 53 19.43 53.61 9.17
N LYS C 54 18.13 53.89 9.04
CA LYS C 54 17.20 53.58 10.13
C LYS C 54 17.18 52.08 10.37
N LEU C 55 17.24 51.27 9.32
CA LEU C 55 17.27 49.83 9.53
C LEU C 55 18.56 49.40 10.21
N ILE C 56 19.67 50.03 9.85
CA ILE C 56 20.95 49.72 10.47
C ILE C 56 20.90 50.08 11.95
N GLU C 57 20.35 51.26 12.27
CA GLU C 57 20.26 51.69 13.66
C GLU C 57 19.37 50.76 14.47
N SER C 58 18.28 50.26 13.90
CA SER C 58 17.35 49.43 14.65
C SER C 58 17.72 47.96 14.69
N THR C 59 18.77 47.53 14.00
CA THR C 59 19.18 46.13 14.00
C THR C 59 20.57 46.05 14.60
N SER C 60 21.03 44.83 14.83
CA SER C 60 22.34 44.62 15.42
C SER C 60 23.34 44.05 14.46
N THR C 61 22.89 43.34 13.43
CA THR C 61 23.75 42.75 12.42
C THR C 61 23.41 43.24 11.02
N MET C 62 24.33 42.98 10.10
CA MET C 62 24.07 43.24 8.70
C MET C 62 22.92 42.38 8.22
N ASP C 63 22.98 41.08 8.54
CA ASP C 63 21.93 40.15 8.13
C ASP C 63 20.58 40.59 8.67
N GLY C 64 20.55 41.12 9.88
CA GLY C 64 19.30 41.60 10.44
C GLY C 64 18.71 42.72 9.61
N ALA C 65 19.51 43.74 9.33
CA ALA C 65 19.04 44.88 8.54
C ALA C 65 18.49 44.43 7.21
N ILE C 66 19.14 43.45 6.59
CA ILE C 66 18.72 42.94 5.30
C ILE C 66 17.37 42.26 5.42
N ALA C 67 17.21 41.43 6.45
CA ALA C 67 15.94 40.74 6.64
C ALA C 67 14.82 41.74 6.85
N ALA C 68 15.06 42.77 7.67
CA ALA C 68 14.04 43.79 7.85
C ALA C 68 13.79 44.52 6.53
N ALA C 69 14.83 44.82 5.76
CA ALA C 69 14.65 45.53 4.50
C ALA C 69 13.78 44.73 3.53
N LEU C 70 13.97 43.40 3.51
CA LEU C 70 13.19 42.54 2.61
C LEU C 70 11.74 42.50 3.00
N LEU C 71 11.47 42.84 4.24
CA LEU C 71 10.11 42.84 4.71
C LEU C 71 9.41 44.08 4.23
N MET C 72 10.12 45.21 4.22
CA MET C 72 9.49 46.48 3.84
C MET C 72 9.04 46.31 2.39
N LEU D 3 -12.70 3.70 10.17
CA LEU D 3 -11.27 3.49 10.38
C LEU D 3 -10.70 2.69 9.20
N GLN D 4 -10.34 3.36 8.12
CA GLN D 4 -9.72 2.67 7.00
C GLN D 4 -8.20 2.78 7.05
N PHE D 5 -7.55 1.97 6.21
CA PHE D 5 -6.11 1.75 6.22
C PHE D 5 -5.24 3.01 6.28
N ARG D 6 -5.62 4.05 5.54
CA ARG D 6 -4.80 5.26 5.54
C ARG D 6 -4.42 5.68 6.95
N ASP D 7 -5.34 5.47 7.91
CA ASP D 7 -5.13 5.94 9.27
C ASP D 7 -3.95 5.26 9.94
N VAL D 8 -3.61 4.07 9.48
CA VAL D 8 -2.54 3.28 10.10
C VAL D 8 -1.41 3.03 9.11
N ALA D 9 -1.58 3.42 7.87
CA ALA D 9 -0.55 3.28 6.84
C ALA D 9 0.58 4.27 7.05
N ILE D 10 1.82 3.83 6.77
CA ILE D 10 2.96 4.73 6.68
C ILE D 10 3.62 4.53 5.33
N GLU D 11 4.01 5.62 4.70
CA GLU D 11 4.68 5.55 3.40
C GLU D 11 5.96 6.34 3.50
N PHE D 12 6.98 5.87 2.78
CA PHE D 12 8.24 6.56 2.69
C PHE D 12 8.40 7.13 1.29
N SER D 13 8.87 8.38 1.22
CA SER D 13 9.21 8.98 -0.06
C SER D 13 10.48 8.32 -0.60
N LEU D 14 10.79 8.57 -1.88
CA LEU D 14 12.01 8.00 -2.41
C LEU D 14 13.23 8.52 -1.66
N GLU D 15 13.24 9.81 -1.34
CA GLU D 15 14.36 10.39 -0.62
C GLU D 15 14.54 9.73 0.74
N GLU D 16 13.43 9.42 1.41
CA GLU D 16 13.45 8.74 2.70
C GLU D 16 13.79 7.27 2.54
N TRP D 17 13.26 6.63 1.50
CA TRP D 17 13.48 5.22 1.28
C TRP D 17 14.96 4.87 1.25
N HIS D 18 15.76 5.71 0.59
CA HIS D 18 17.19 5.49 0.48
C HIS D 18 17.93 5.81 1.77
N CYS D 19 17.25 6.31 2.79
CA CYS D 19 17.82 6.49 4.11
C CYS D 19 17.63 5.27 4.99
N LEU D 20 16.88 4.27 4.53
CA LEU D 20 16.54 3.09 5.33
C LEU D 20 17.51 1.96 5.03
N ASP D 21 18.01 1.31 6.08
CA ASP D 21 18.87 0.15 5.90
C ASP D 21 18.00 -1.10 5.80
N THR D 22 18.64 -2.27 5.73
CA THR D 22 17.91 -3.52 5.47
C THR D 22 16.91 -3.82 6.57
N ALA D 23 17.36 -3.73 7.83
CA ALA D 23 16.48 -4.04 8.96
C ALA D 23 15.29 -3.10 9.00
N GLN D 24 15.52 -1.83 8.69
CA GLN D 24 14.44 -0.85 8.70
C GLN D 24 13.40 -1.13 7.63
N ARG D 25 13.86 -1.50 6.43
CA ARG D 25 12.93 -1.85 5.37
C ARG D 25 12.13 -3.09 5.73
N ASN D 26 12.72 -4.04 6.47
CA ASN D 26 12.00 -5.24 6.89
C ASN D 26 11.03 -4.94 8.01
N LEU D 27 11.48 -4.22 9.05
CA LEU D 27 10.55 -3.83 10.12
C LEU D 27 9.28 -3.24 9.52
N TYR D 28 9.46 -2.33 8.57
CA TYR D 28 8.33 -1.72 7.88
C TYR D 28 7.44 -2.78 7.26
N ARG D 29 8.04 -3.77 6.58
CA ARG D 29 7.22 -4.84 6.03
C ARG D 29 6.42 -5.55 7.11
N ASN D 30 7.08 -5.94 8.22
CA ASN D 30 6.41 -6.69 9.27
C ASN D 30 5.10 -6.02 9.64
N VAL D 31 5.17 -4.72 9.92
CA VAL D 31 4.01 -3.99 10.43
C VAL D 31 2.97 -3.76 9.35
N MET D 32 3.40 -3.35 8.15
CA MET D 32 2.44 -3.03 7.11
C MET D 32 1.72 -4.30 6.65
N LEU D 33 2.43 -5.41 6.54
CA LEU D 33 1.77 -6.67 6.21
C LEU D 33 0.79 -7.07 7.30
N GLU D 34 1.18 -6.89 8.56
CA GLU D 34 0.33 -7.32 9.67
C GLU D 34 -0.83 -6.38 9.87
N ASN D 35 -0.63 -5.07 9.71
CA ASN D 35 -1.79 -4.17 9.78
C ASN D 35 -2.82 -4.55 8.73
N TYR D 36 -2.37 -4.88 7.52
CA TYR D 36 -3.27 -5.34 6.47
C TYR D 36 -4.07 -6.55 6.91
N SER D 37 -3.39 -7.59 7.42
CA SER D 37 -4.10 -8.79 7.82
C SER D 37 -5.14 -8.50 8.90
N ASN D 38 -4.82 -7.64 9.86
CA ASN D 38 -5.82 -7.33 10.88
C ASN D 38 -7.03 -6.65 10.25
N LEU D 39 -6.80 -5.74 9.30
CA LEU D 39 -7.93 -5.07 8.65
C LEU D 39 -8.72 -6.02 7.75
N VAL D 40 -8.06 -6.94 7.05
CA VAL D 40 -8.81 -7.91 6.25
C VAL D 40 -9.75 -8.70 7.14
N PHE D 41 -9.24 -9.20 8.27
CA PHE D 41 -10.06 -9.93 9.25
C PHE D 41 -11.23 -9.10 9.72
N LEU D 42 -10.97 -7.84 10.09
CA LEU D 42 -11.99 -6.96 10.65
C LEU D 42 -12.99 -6.49 9.62
N GLY D 43 -12.56 -6.25 8.38
CA GLY D 43 -13.47 -5.90 7.30
C GLY D 43 -13.47 -4.44 6.89
N ILE D 44 -13.03 -3.50 7.73
CA ILE D 44 -13.10 -2.10 7.31
C ILE D 44 -12.00 -1.85 6.26
N LEU E 26 -26.08 -52.35 45.70
CA LEU E 26 -26.03 -53.76 45.24
C LEU E 26 -25.12 -53.91 44.01
N SER E 27 -25.57 -54.61 42.97
CA SER E 27 -24.80 -54.76 41.75
C SER E 27 -25.00 -53.57 40.82
N GLU E 28 -25.51 -52.46 41.38
CA GLU E 28 -25.80 -51.25 40.62
C GLU E 28 -24.62 -50.88 39.74
N LEU E 29 -23.39 -50.99 40.26
CA LEU E 29 -22.23 -50.63 39.46
C LEU E 29 -21.99 -51.59 38.32
N GLU E 30 -22.46 -52.82 38.40
CA GLU E 30 -22.33 -53.72 37.26
C GLU E 30 -23.34 -53.38 36.15
N ASP E 31 -24.52 -52.88 36.52
CA ASP E 31 -25.47 -52.41 35.50
C ASP E 31 -24.99 -51.11 34.90
N LEU E 32 -24.39 -50.26 35.74
CA LEU E 32 -23.81 -49.01 35.27
C LEU E 32 -22.62 -49.29 34.39
N LYS E 33 -21.75 -50.21 34.84
CA LYS E 33 -20.60 -50.58 34.03
C LYS E 33 -21.06 -51.06 32.66
N ASP E 34 -22.10 -51.89 32.64
CA ASP E 34 -22.61 -52.38 31.37
C ASP E 34 -23.12 -51.24 30.51
N ALA E 35 -23.90 -50.33 31.11
CA ALA E 35 -24.42 -49.21 30.34
C ALA E 35 -23.30 -48.34 29.80
N LYS E 36 -22.25 -48.12 30.59
CA LYS E 36 -21.11 -47.35 30.12
C LYS E 36 -20.39 -48.09 29.00
N LEU E 37 -20.20 -49.41 29.15
CA LEU E 37 -19.55 -50.20 28.12
C LEU E 37 -20.31 -50.14 26.80
N GLN E 38 -21.63 -50.31 26.87
CA GLN E 38 -22.40 -50.31 25.63
C GLN E 38 -22.32 -48.94 24.98
N THR E 39 -22.26 -47.88 25.79
CA THR E 39 -22.11 -46.55 25.22
C THR E 39 -20.76 -46.44 24.52
N LEU E 40 -19.68 -46.94 25.14
CA LEU E 40 -18.37 -46.87 24.47
C LEU E 40 -18.29 -47.78 23.25
N LYS E 41 -18.88 -48.97 23.31
CA LYS E 41 -18.79 -49.87 22.16
C LYS E 41 -19.45 -49.24 20.95
N GLU E 42 -20.50 -48.46 21.18
CA GLU E 42 -21.15 -47.77 20.08
C GLU E 42 -20.26 -46.69 19.52
N LEU E 43 -19.57 -45.97 20.39
CA LEU E 43 -18.74 -44.84 19.99
C LEU E 43 -17.42 -45.32 19.42
N PHE E 44 -16.89 -46.44 19.91
CA PHE E 44 -15.59 -47.00 19.49
C PHE E 44 -15.75 -48.44 19.05
N PRO E 45 -16.33 -48.62 17.87
CA PRO E 45 -16.76 -49.99 17.44
C PRO E 45 -15.65 -50.98 17.23
N GLN E 46 -14.40 -50.57 17.04
CA GLN E 46 -13.35 -51.54 16.79
C GLN E 46 -12.34 -51.49 17.94
N ARG E 47 -12.84 -51.32 19.22
CA ARG E 47 -11.99 -51.47 20.43
C ARG E 47 -12.50 -52.74 21.12
N SER E 48 -11.58 -53.44 21.76
CA SER E 48 -11.96 -54.62 22.51
C SER E 48 -12.71 -54.19 23.78
N ASP E 49 -13.58 -55.08 24.29
CA ASP E 49 -14.25 -54.77 25.54
C ASP E 49 -13.24 -54.64 26.66
N ASN E 50 -12.12 -55.35 26.55
CA ASN E 50 -11.12 -55.30 27.61
C ASN E 50 -10.55 -53.90 27.72
N ASP E 51 -10.17 -53.29 26.59
CA ASP E 51 -9.64 -51.94 26.65
C ASP E 51 -10.70 -50.97 27.13
N LEU E 52 -11.94 -51.14 26.66
CA LEU E 52 -13.00 -50.21 27.03
C LEU E 52 -13.35 -50.31 28.51
N LEU E 53 -13.33 -51.51 29.09
CA LEU E 53 -13.59 -51.62 30.53
C LEU E 53 -12.47 -50.98 31.35
N LYS E 54 -11.22 -51.11 30.90
CA LYS E 54 -10.13 -50.53 31.68
C LYS E 54 -10.29 -49.02 31.80
N LEU E 55 -10.60 -48.35 30.71
CA LEU E 55 -10.79 -46.90 30.79
C LEU E 55 -12.06 -46.53 31.51
N ILE E 56 -13.11 -47.35 31.49
CA ILE E 56 -14.25 -47.03 32.34
C ILE E 56 -13.84 -47.07 33.81
N GLU E 57 -13.15 -48.15 34.21
CA GLU E 57 -12.73 -48.32 35.61
C GLU E 57 -11.74 -47.25 36.05
N SER E 58 -10.90 -46.73 35.15
CA SER E 58 -9.89 -45.73 35.52
C SER E 58 -10.41 -44.29 35.54
N THR E 59 -11.67 -44.04 35.17
CA THR E 59 -12.26 -42.70 35.09
C THR E 59 -13.50 -42.64 35.97
N SER E 60 -14.14 -41.46 36.02
CA SER E 60 -15.33 -41.31 36.86
C SER E 60 -16.63 -41.13 36.08
N THR E 61 -16.67 -40.27 35.07
CA THR E 61 -17.91 -39.99 34.37
C THR E 61 -17.82 -40.62 32.99
N MET E 62 -18.97 -40.64 32.30
CA MET E 62 -19.02 -41.15 30.95
C MET E 62 -18.14 -40.31 30.03
N ASP E 63 -18.27 -38.99 30.12
CA ASP E 63 -17.45 -38.09 29.31
C ASP E 63 -15.97 -38.31 29.61
N GLY E 64 -15.64 -38.60 30.86
CA GLY E 64 -14.26 -38.91 31.19
C GLY E 64 -13.77 -40.13 30.43
N ALA E 65 -14.55 -41.22 30.49
CA ALA E 65 -14.18 -42.43 29.78
C ALA E 65 -14.09 -42.19 28.27
N ILE E 66 -15.03 -41.42 27.71
CA ILE E 66 -15.00 -41.19 26.27
C ILE E 66 -13.74 -40.44 25.90
N ALA E 67 -13.42 -39.40 26.69
CA ALA E 67 -12.23 -38.60 26.44
C ALA E 67 -10.98 -39.45 26.50
N ALA E 68 -10.94 -40.40 27.43
CA ALA E 68 -9.79 -41.30 27.51
C ALA E 68 -9.70 -42.18 26.26
N ALA E 69 -10.85 -42.70 25.81
CA ALA E 69 -10.86 -43.57 24.63
C ALA E 69 -10.38 -42.84 23.39
N LEU E 70 -10.68 -41.54 23.26
CA LEU E 70 -10.28 -40.74 22.10
C LEU E 70 -8.77 -40.60 21.96
N LEU E 71 -8.00 -40.83 23.01
CA LEU E 71 -6.56 -40.79 22.95
C LEU E 71 -5.99 -42.12 22.46
N MET E 72 -6.84 -43.05 22.03
CA MET E 72 -6.45 -44.36 21.50
C MET E 72 -5.73 -45.17 22.58
ZN ZN F . -23.76 -52.58 11.64
ZN ZN G . -24.13 -55.91 -1.55
ZN ZN H . -38.58 -78.59 10.52
ZN ZN I . -37.32 -77.05 21.67
ZN ZN J . 23.91 50.58 -12.86
ZN ZN K . 21.12 51.97 -26.24
ZN ZN L . 39.65 74.97 -17.60
ZN ZN M . 42.20 70.47 -7.97
#